data_3IGV
#
_entry.id   3IGV
#
_cell.length_a   85.911
_cell.length_b   107.217
_cell.length_c   126.214
_cell.angle_alpha   90.00
_cell.angle_beta   90.00
_cell.angle_gamma   90.00
#
_symmetry.space_group_name_H-M   'P 21 21 21'
#
loop_
_entity.id
_entity.type
_entity.pdbx_description
1 polymer 'RNA-DIRECTED RNA POLYMERASE'
2 non-polymer N-{3-[(6S)-6-ethyl-1-(4-fluorobenzyl)-4-hydroxy-2-oxo-1,2,5,6-tetrahydropyridin-3-yl]-1,1-dioxido-2H-1,2,4-benzothiadiazin-7-yl}methanesulfonamide
3 water water
#
_entity_poly.entity_id   1
_entity_poly.type   'polypeptide(L)'
_entity_poly.pdbx_seq_one_letter_code
;SMSYTWTGALITPCAAEESKLPINALSNSLLRHHNMVYATTSRSAGLRQKKVTFDRLQVLDDHYRDVLKEMKAKASTVKA
KLLSVEEACKLTPPHSAKSKFGYGAKDVRNLSSKAVNHIHSVWKDLLEDTVTPIDTTIMAKNEVFCVQPEKGGRKPARLI
VFPDLGVRVCEKMALYDVVSTLPQVVMGSSYGFQYSPGQRVEFLVNTWKSKKNPMGFSYDTRCFDSTVTENDIRVEESIY
QCCDLAPEARQAIKSLTERLYIGGPLTNSKGQNCGYRRCRASGVLTTSCGNTLTCYLKASAACRAAKLQDCTMLVNGDDL
VVICESAGTQEDAASLRVFTEAMTRYSAPPGDPPQPEYDLELITSCSSNVSVAHDASGKRVYYLTRDPTTPLARAAWETA
RHTPVNSWLGNIIMYAPTLWARMILMTHFFSILLAQEQLEKALDCQIYGACYSIEPLDLPQIIERLHGLSAFSLHSYSPG
EINRVASCLRKLGVPPLRVWRHRARSVRARLLSQGGRAATCGKYLFNWAVKTKLKLTPIPAASQLDLSGWFVAGYSGGDI
YHSLSRARPRLEHHHHHH
;
_entity_poly.pdbx_strand_id   A,B
#
loop_
_chem_comp.id
_chem_comp.type
_chem_comp.name
_chem_comp.formula
B80 non-polymer N-{3-[(6S)-6-ethyl-1-(4-fluorobenzyl)-4-hydroxy-2-oxo-1,2,5,6-tetrahydropyridin-3-yl]-1,1-dioxido-2H-1,2,4-benzothiadiazin-7-yl}methanesulfonamide 'C22 H23 F N4 O6 S2'
#
# COMPACT_ATOMS: atom_id res chain seq x y z
N SER A 1 -4.77 -40.06 11.16
CA SER A 1 -5.79 -40.43 12.20
C SER A 1 -7.19 -40.01 11.78
N MET A 2 -8.17 -40.38 12.60
CA MET A 2 -9.58 -40.04 12.38
C MET A 2 -9.87 -38.58 12.74
N SER A 3 -10.59 -37.89 11.86
CA SER A 3 -10.94 -36.49 12.10
C SER A 3 -11.78 -36.36 13.37
N TYR A 4 -12.74 -37.27 13.51
CA TYR A 4 -13.62 -37.31 14.67
C TYR A 4 -13.86 -38.74 15.17
N THR A 5 -14.02 -38.89 16.48
CA THR A 5 -14.55 -40.12 17.08
C THR A 5 -15.84 -39.76 17.81
N TRP A 6 -16.88 -40.57 17.60
CA TRP A 6 -18.19 -40.31 18.17
C TRP A 6 -18.57 -41.35 19.22
N THR A 7 -19.08 -40.89 20.36
CA THR A 7 -19.51 -41.78 21.44
C THR A 7 -20.88 -42.39 21.16
N GLY A 8 -21.67 -41.69 20.35
CA GLY A 8 -23.07 -42.04 20.14
C GLY A 8 -24.01 -40.98 20.69
N ALA A 9 -23.55 -40.21 21.67
CA ALA A 9 -24.33 -39.12 22.26
C ALA A 9 -24.69 -38.05 21.21
N LEU A 10 -25.91 -37.53 21.31
CA LEU A 10 -26.48 -36.63 20.31
C LEU A 10 -26.00 -35.19 20.45
N ILE A 11 -25.89 -34.49 19.33
CA ILE A 11 -25.63 -33.06 19.34
C ILE A 11 -26.95 -32.32 19.58
N THR A 12 -27.04 -31.66 20.72
CA THR A 12 -28.29 -31.06 21.22
C THR A 12 -28.36 -29.55 21.00
N PRO A 13 -29.58 -29.01 20.81
CA PRO A 13 -29.76 -27.55 20.73
C PRO A 13 -29.91 -26.88 22.10
N CYS A 14 -29.95 -25.55 22.14
CA CYS A 14 -30.23 -24.79 23.37
C CYS A 14 -31.70 -24.45 23.50
N ALA A 15 -32.26 -23.82 22.46
CA ALA A 15 -33.68 -23.50 22.39
C ALA A 15 -34.34 -24.37 21.33
N ALA A 16 -35.62 -24.09 21.05
CA ALA A 16 -36.31 -24.72 19.93
C ALA A 16 -35.68 -24.24 18.63
N GLU A 17 -35.71 -25.08 17.60
CA GLU A 17 -35.15 -24.74 16.31
C GLU A 17 -36.23 -24.75 15.23
N GLU A 18 -36.39 -23.61 14.56
CA GLU A 18 -37.32 -23.50 13.45
C GLU A 18 -36.65 -23.94 12.16
N SER A 19 -37.31 -24.81 11.40
CA SER A 19 -36.82 -25.18 10.08
C SER A 19 -37.65 -24.51 8.99
N LYS A 20 -38.89 -24.15 9.30
CA LYS A 20 -39.77 -23.48 8.34
C LYS A 20 -39.65 -21.96 8.40
N LEU A 21 -39.58 -21.33 7.23
CA LEU A 21 -39.56 -19.87 7.12
C LEU A 21 -40.75 -19.26 7.84
N PRO A 22 -40.48 -18.41 8.87
CA PRO A 22 -41.55 -17.72 9.60
C PRO A 22 -42.19 -16.66 8.72
N ILE A 23 -43.50 -16.50 8.89
CA ILE A 23 -44.29 -15.63 8.02
C ILE A 23 -44.92 -14.50 8.83
N ASN A 24 -44.72 -13.27 8.39
CA ASN A 24 -45.40 -12.12 8.97
C ASN A 24 -46.01 -11.25 7.86
N ALA A 25 -46.50 -10.06 8.20
CA ALA A 25 -47.15 -9.18 7.23
C ALA A 25 -46.26 -8.72 6.06
N LEU A 26 -44.95 -8.71 6.27
CA LEU A 26 -44.03 -8.17 5.26
C LEU A 26 -43.50 -9.23 4.30
N SER A 27 -43.65 -10.49 4.68
CA SER A 27 -43.06 -11.62 3.96
C SER A 27 -43.45 -11.65 2.49
N ASN A 28 -44.74 -11.74 2.23
CA ASN A 28 -45.26 -11.88 0.87
C ASN A 28 -44.77 -10.83 -0.13
N SER A 29 -44.58 -9.60 0.36
CA SER A 29 -44.08 -8.51 -0.47
C SER A 29 -42.67 -8.78 -0.99
N LEU A 30 -41.95 -9.69 -0.33
CA LEU A 30 -40.59 -10.07 -0.72
C LEU A 30 -40.53 -11.41 -1.45
N LEU A 31 -41.30 -12.38 -0.97
CA LEU A 31 -41.15 -13.76 -1.42
C LEU A 31 -42.46 -14.55 -1.29
N ARG A 32 -42.89 -15.15 -2.40
CA ARG A 32 -44.13 -15.94 -2.46
C ARG A 32 -43.91 -17.40 -2.07
N HIS A 33 -42.88 -18.02 -2.64
CA HIS A 33 -42.67 -19.47 -2.51
C HIS A 33 -41.96 -19.86 -1.22
N HIS A 34 -42.72 -19.82 -0.12
CA HIS A 34 -42.17 -20.01 1.23
C HIS A 34 -41.64 -21.41 1.52
N ASN A 35 -42.16 -22.41 0.81
CA ASN A 35 -41.69 -23.79 0.96
C ASN A 35 -40.24 -24.00 0.48
N MET A 36 -39.74 -23.08 -0.34
CA MET A 36 -38.39 -23.15 -0.89
C MET A 36 -37.30 -22.77 0.11
N VAL A 37 -37.69 -22.03 1.16
CA VAL A 37 -36.75 -21.52 2.17
C VAL A 37 -36.81 -22.37 3.44
N TYR A 38 -35.64 -22.69 4.00
CA TYR A 38 -35.53 -23.50 5.22
C TYR A 38 -34.27 -23.16 6.02
N ALA A 39 -34.31 -23.42 7.33
CA ALA A 39 -33.09 -23.35 8.16
C ALA A 39 -32.71 -24.71 8.72
N THR A 40 -31.43 -25.03 8.62
CA THR A 40 -30.88 -26.26 9.19
C THR A 40 -31.04 -26.26 10.71
N THR A 41 -31.19 -27.45 11.29
CA THR A 41 -31.30 -27.61 12.74
C THR A 41 -30.37 -28.72 13.22
N SER A 42 -30.25 -28.87 14.54
CA SER A 42 -29.42 -29.92 15.12
C SER A 42 -29.91 -31.33 14.77
N ARG A 43 -31.13 -31.43 14.27
CA ARG A 43 -31.71 -32.71 13.88
C ARG A 43 -31.10 -33.31 12.61
N SER A 44 -30.34 -32.51 11.87
CA SER A 44 -29.65 -33.00 10.67
C SER A 44 -28.15 -33.18 10.90
N ALA A 45 -27.73 -33.12 12.16
CA ALA A 45 -26.33 -33.20 12.54
C ALA A 45 -25.72 -34.58 12.29
N GLY A 46 -26.53 -35.62 12.48
CA GLY A 46 -26.11 -36.99 12.22
C GLY A 46 -25.59 -37.19 10.82
N LEU A 47 -26.18 -36.48 9.86
CA LEU A 47 -25.75 -36.54 8.46
C LEU A 47 -24.44 -35.81 8.24
N ARG A 48 -24.23 -34.72 8.99
CA ARG A 48 -23.00 -33.94 8.90
C ARG A 48 -21.82 -34.68 9.52
N GLN A 49 -22.07 -35.33 10.67
CA GLN A 49 -21.07 -36.17 11.33
C GLN A 49 -20.49 -37.23 10.39
N LYS A 50 -21.37 -37.88 9.64
CA LYS A 50 -20.93 -38.90 8.66
C LYS A 50 -19.99 -38.30 7.60
N LYS A 51 -20.34 -37.13 7.10
CA LYS A 51 -19.62 -36.44 6.02
C LYS A 51 -18.20 -36.04 6.40
N VAL A 52 -18.06 -35.45 7.59
CA VAL A 52 -16.82 -34.80 8.02
C VAL A 52 -15.88 -35.75 8.79
N THR A 53 -16.29 -37.01 8.90
CA THR A 53 -15.53 -38.01 9.65
C THR A 53 -14.83 -39.00 8.70
N PHE A 54 -13.52 -38.81 8.55
CA PHE A 54 -12.66 -39.68 7.73
C PHE A 54 -11.20 -39.72 8.24
N ASP A 55 -10.45 -40.70 7.73
CA ASP A 55 -9.03 -40.83 8.05
C ASP A 55 -8.23 -39.88 7.17
N ARG A 56 -7.21 -39.24 7.74
CA ARG A 56 -6.36 -38.35 6.96
C ARG A 56 -4.96 -38.91 6.81
N LEU A 57 -4.49 -38.92 5.56
CA LEU A 57 -3.12 -39.31 5.24
C LEU A 57 -2.39 -38.08 4.71
N GLN A 58 -1.15 -37.90 5.16
CA GLN A 58 -0.37 -36.73 4.74
C GLN A 58 1.01 -37.14 4.28
N VAL A 59 1.40 -36.64 3.10
CA VAL A 59 2.67 -37.00 2.50
C VAL A 59 3.37 -35.71 2.09
N LEU A 60 4.32 -35.27 2.92
CA LEU A 60 4.94 -33.96 2.75
C LEU A 60 6.29 -34.04 2.07
N ASP A 61 6.39 -33.38 0.92
CA ASP A 61 7.58 -33.44 0.08
C ASP A 61 8.42 -32.15 0.19
N ASP A 62 9.43 -32.02 -0.66
CA ASP A 62 10.34 -30.87 -0.61
C ASP A 62 9.70 -29.51 -0.91
N HIS A 63 8.78 -29.47 -1.87
CA HIS A 63 8.02 -28.24 -2.17
C HIS A 63 7.29 -27.72 -0.94
N TYR A 64 6.68 -28.64 -0.19
CA TYR A 64 5.97 -28.30 1.04
C TYR A 64 6.88 -27.62 2.06
N ARG A 65 8.08 -28.17 2.27
CA ARG A 65 9.00 -27.63 3.25
C ARG A 65 9.64 -26.32 2.80
N ASP A 66 9.94 -26.22 1.51
CA ASP A 66 10.48 -24.98 0.93
C ASP A 66 9.56 -23.79 1.17
N VAL A 67 8.29 -23.94 0.82
CA VAL A 67 7.30 -22.87 1.02
C VAL A 67 7.19 -22.51 2.51
N LEU A 68 7.11 -23.53 3.36
CA LEU A 68 7.09 -23.34 4.81
C LEU A 68 8.28 -22.50 5.30
N LYS A 69 9.48 -22.88 4.84
CA LYS A 69 10.70 -22.13 5.19
C LYS A 69 10.58 -20.65 4.81
N GLU A 70 10.07 -20.39 3.60
CA GLU A 70 9.83 -19.02 3.13
C GLU A 70 8.84 -18.27 4.02
N MET A 71 7.78 -18.97 4.41
CA MET A 71 6.74 -18.40 5.29
C MET A 71 7.31 -18.03 6.66
N LYS A 72 8.19 -18.88 7.19
CA LYS A 72 8.80 -18.68 8.51
C LYS A 72 9.75 -17.50 8.52
N ALA A 73 10.47 -17.32 7.41
CA ALA A 73 11.39 -16.21 7.24
C ALA A 73 10.70 -14.84 7.36
N LYS A 74 9.49 -14.74 6.82
CA LYS A 74 8.72 -13.51 6.92
C LYS A 74 8.01 -13.36 8.27
N ALA A 75 7.51 -14.48 8.79
CA ALA A 75 6.84 -14.48 10.10
C ALA A 75 7.78 -13.99 11.20
N SER A 76 9.06 -14.28 11.03
CA SER A 76 10.07 -13.89 12.01
C SER A 76 10.40 -12.40 11.94
N THR A 77 9.80 -11.68 11.01
CA THR A 77 9.91 -10.22 10.98
C THR A 77 8.82 -9.55 11.82
N VAL A 78 7.81 -10.33 12.23
CA VAL A 78 6.67 -9.81 12.99
C VAL A 78 6.95 -9.69 14.49
N LYS A 79 6.52 -8.58 15.08
CA LYS A 79 6.48 -8.41 16.52
C LYS A 79 5.02 -8.24 16.95
N ALA A 80 4.55 -9.13 17.81
CA ALA A 80 3.17 -9.09 18.27
C ALA A 80 3.10 -8.83 19.77
N LYS A 81 2.07 -8.10 20.18
CA LYS A 81 1.92 -7.72 21.58
C LYS A 81 0.90 -8.55 22.32
N LEU A 82 1.18 -8.80 23.60
CA LEU A 82 0.24 -9.43 24.49
C LEU A 82 -0.85 -8.43 24.83
N LEU A 83 -2.09 -8.79 24.55
CA LEU A 83 -3.23 -7.95 24.91
C LEU A 83 -3.56 -8.06 26.40
N SER A 84 -4.02 -6.95 26.98
CA SER A 84 -4.49 -6.94 28.36
C SER A 84 -5.85 -7.59 28.45
N VAL A 85 -6.22 -7.99 29.67
CA VAL A 85 -7.56 -8.53 29.93
C VAL A 85 -8.63 -7.55 29.43
N GLU A 86 -8.52 -6.29 29.86
CA GLU A 86 -9.46 -5.25 29.47
C GLU A 86 -9.66 -5.20 27.95
N GLU A 87 -8.56 -5.04 27.22
CA GLU A 87 -8.58 -4.92 25.76
C GLU A 87 -9.25 -6.10 25.08
N ALA A 88 -8.95 -7.30 25.59
CA ALA A 88 -9.53 -8.54 25.06
C ALA A 88 -11.01 -8.65 25.35
N CYS A 89 -11.44 -8.16 26.50
CA CYS A 89 -12.85 -8.11 26.88
C CYS A 89 -13.66 -7.16 25.99
N LYS A 90 -13.05 -6.04 25.60
CA LYS A 90 -13.70 -5.07 24.73
C LYS A 90 -13.90 -5.63 23.32
N LEU A 91 -13.21 -6.73 23.03
CA LEU A 91 -13.29 -7.39 21.74
C LEU A 91 -14.33 -8.52 21.69
N THR A 92 -14.97 -8.80 22.83
CA THR A 92 -16.00 -9.85 22.91
C THR A 92 -17.36 -9.31 22.46
N PRO A 93 -18.03 -10.01 21.51
CA PRO A 93 -19.39 -9.69 21.09
C PRO A 93 -20.39 -9.69 22.25
N PRO A 94 -21.36 -8.77 22.22
CA PRO A 94 -22.41 -8.66 23.26
C PRO A 94 -23.33 -9.88 23.28
N HIS A 95 -23.46 -10.53 22.12
CA HIS A 95 -24.30 -11.71 21.97
C HIS A 95 -23.51 -13.03 22.08
N SER A 96 -22.27 -12.94 22.55
CA SER A 96 -21.39 -14.11 22.66
C SER A 96 -21.89 -15.10 23.72
N ALA A 97 -21.56 -16.37 23.53
CA ALA A 97 -22.03 -17.46 24.41
C ALA A 97 -21.55 -17.34 25.86
N LYS A 98 -22.50 -17.43 26.80
CA LYS A 98 -22.22 -17.32 28.23
C LYS A 98 -21.22 -18.37 28.70
N SER A 99 -20.49 -18.06 29.76
CA SER A 99 -19.55 -19.02 30.34
C SER A 99 -20.28 -20.06 31.20
N LYS A 100 -19.68 -21.24 31.32
CA LYS A 100 -20.20 -22.28 32.22
C LYS A 100 -19.84 -21.97 33.67
N PHE A 101 -19.09 -20.90 33.88
CA PHE A 101 -18.56 -20.56 35.20
C PHE A 101 -19.21 -19.30 35.81
N GLY A 102 -20.47 -19.05 35.45
CA GLY A 102 -21.31 -18.09 36.15
C GLY A 102 -21.44 -16.68 35.62
N TYR A 103 -20.67 -16.35 34.58
CA TYR A 103 -20.71 -15.01 33.99
C TYR A 103 -20.97 -15.07 32.48
N GLY A 104 -21.40 -13.94 31.92
CA GLY A 104 -21.79 -13.89 30.51
C GLY A 104 -21.06 -12.81 29.71
N ALA A 105 -21.48 -12.66 28.45
CA ALA A 105 -20.85 -11.74 27.51
C ALA A 105 -20.85 -10.30 27.99
N LYS A 106 -21.99 -9.84 28.50
CA LYS A 106 -22.12 -8.45 28.97
C LYS A 106 -21.35 -8.22 30.27
N ASP A 107 -21.19 -9.27 31.06
CA ASP A 107 -20.36 -9.23 32.27
C ASP A 107 -18.90 -9.02 31.90
N VAL A 108 -18.46 -9.75 30.88
CA VAL A 108 -17.11 -9.60 30.31
C VAL A 108 -16.93 -8.19 29.75
N ARG A 109 -17.88 -7.76 28.92
CA ARG A 109 -17.81 -6.46 28.23
C ARG A 109 -17.63 -5.27 29.16
N ASN A 110 -18.40 -5.19 30.25
CA ASN A 110 -18.25 -4.10 31.21
C ASN A 110 -17.26 -4.40 32.34
N LEU A 111 -16.51 -5.48 32.18
CA LEU A 111 -15.36 -5.82 33.03
C LEU A 111 -15.68 -6.10 34.50
N SER A 112 -16.74 -6.86 34.76
CA SER A 112 -17.12 -7.21 36.12
C SER A 112 -16.02 -8.07 36.75
N SER A 113 -15.86 -7.96 38.08
CA SER A 113 -14.79 -8.66 38.78
C SER A 113 -14.91 -10.18 38.66
N LYS A 114 -16.14 -10.68 38.59
CA LYS A 114 -16.38 -12.11 38.44
C LYS A 114 -15.82 -12.62 37.12
N ALA A 115 -16.06 -11.87 36.05
CA ALA A 115 -15.55 -12.21 34.72
C ALA A 115 -14.03 -12.08 34.66
N VAL A 116 -13.52 -10.92 35.07
CA VAL A 116 -12.10 -10.61 35.00
C VAL A 116 -11.25 -11.61 35.81
N ASN A 117 -11.74 -12.00 36.98
CA ASN A 117 -10.99 -12.91 37.86
C ASN A 117 -10.87 -14.34 37.34
N HIS A 118 -11.93 -14.86 36.73
CA HIS A 118 -11.90 -16.19 36.12
C HIS A 118 -10.99 -16.24 34.89
N ILE A 119 -10.96 -15.15 34.15
CA ILE A 119 -10.08 -15.02 32.99
C ILE A 119 -8.61 -15.06 33.42
N HIS A 120 -8.30 -14.43 34.55
CA HIS A 120 -6.93 -14.46 35.09
C HIS A 120 -6.47 -15.85 35.48
N SER A 121 -7.37 -16.63 36.07
CA SER A 121 -7.04 -17.99 36.52
C SER A 121 -6.96 -18.99 35.35
N VAL A 122 -7.76 -18.74 34.30
CA VAL A 122 -7.68 -19.53 33.07
C VAL A 122 -6.33 -19.27 32.37
N TRP A 123 -5.92 -18.00 32.37
CA TRP A 123 -4.61 -17.61 31.83
C TRP A 123 -3.45 -18.23 32.61
N LYS A 124 -3.54 -18.17 33.95
CA LYS A 124 -2.53 -18.72 34.84
C LYS A 124 -2.40 -20.23 34.63
N ASP A 125 -3.54 -20.90 34.52
CA ASP A 125 -3.58 -22.33 34.23
C ASP A 125 -2.99 -22.67 32.85
N LEU A 126 -3.13 -21.76 31.89
CA LEU A 126 -2.51 -21.95 30.58
C LEU A 126 -0.99 -21.92 30.66
N LEU A 127 -0.45 -21.05 31.51
CA LEU A 127 1.01 -20.94 31.66
C LEU A 127 1.64 -22.13 32.36
N GLU A 128 0.89 -22.79 33.24
CA GLU A 128 1.41 -23.86 34.08
C GLU A 128 1.21 -25.25 33.48
N ASP A 129 0.20 -25.38 32.63
CA ASP A 129 -0.22 -26.68 32.10
C ASP A 129 -0.19 -26.62 30.57
N THR A 130 0.60 -27.50 29.96
CA THR A 130 0.71 -27.55 28.50
C THR A 130 0.23 -28.88 27.91
N VAL A 131 -0.63 -29.58 28.64
CA VAL A 131 -1.00 -30.94 28.26
C VAL A 131 -2.48 -31.29 28.39
N THR A 132 -3.16 -30.74 29.39
CA THR A 132 -4.55 -31.13 29.67
C THR A 132 -5.50 -30.55 28.63
N PRO A 133 -6.09 -31.43 27.78
CA PRO A 133 -7.05 -30.97 26.78
C PRO A 133 -8.15 -30.11 27.40
N ILE A 134 -8.56 -29.07 26.67
CA ILE A 134 -9.56 -28.11 27.15
C ILE A 134 -10.94 -28.49 26.62
N ASP A 135 -11.95 -28.35 27.47
CA ASP A 135 -13.32 -28.67 27.11
C ASP A 135 -13.81 -27.77 25.97
N THR A 136 -14.43 -28.38 24.96
CA THR A 136 -15.10 -27.64 23.88
C THR A 136 -16.55 -28.05 23.75
N THR A 137 -17.39 -27.10 23.37
CA THR A 137 -18.80 -27.36 23.11
C THR A 137 -19.04 -27.54 21.61
N ILE A 138 -19.75 -28.61 21.24
CA ILE A 138 -20.18 -28.81 19.85
C ILE A 138 -21.66 -28.48 19.68
N MET A 139 -21.95 -27.56 18.76
CA MET A 139 -23.32 -27.14 18.45
C MET A 139 -23.59 -27.30 16.95
N ALA A 140 -24.87 -27.30 16.59
CA ALA A 140 -25.27 -27.28 15.18
C ALA A 140 -25.75 -25.89 14.79
N LYS A 141 -25.09 -25.28 13.81
CA LYS A 141 -25.48 -23.95 13.32
C LYS A 141 -26.84 -23.98 12.62
N ASN A 142 -27.61 -22.93 12.83
CA ASN A 142 -28.84 -22.74 12.08
C ASN A 142 -28.60 -21.74 10.95
N GLU A 143 -28.44 -22.26 9.74
CA GLU A 143 -28.24 -21.44 8.56
C GLU A 143 -29.41 -21.61 7.60
N VAL A 144 -29.81 -20.50 6.97
CA VAL A 144 -30.93 -20.49 6.03
C VAL A 144 -30.45 -20.64 4.58
N PHE A 145 -31.16 -21.47 3.81
CA PHE A 145 -30.85 -21.70 2.39
C PHE A 145 -32.14 -21.81 1.57
N CYS A 146 -31.96 -21.94 0.26
CA CYS A 146 -33.05 -22.35 -0.64
C CYS A 146 -32.79 -23.79 -1.13
N VAL A 147 -33.86 -24.58 -1.23
CA VAL A 147 -33.77 -25.96 -1.73
C VAL A 147 -33.32 -25.99 -3.20
N GLN A 148 -32.59 -27.04 -3.57
CA GLN A 148 -31.99 -27.11 -4.91
C GLN A 148 -32.35 -28.40 -5.65
N ARG A 154 -31.84 -30.61 0.30
CA ARG A 154 -31.60 -29.97 1.60
C ARG A 154 -30.20 -30.25 2.14
N LYS A 155 -29.56 -29.21 2.67
CA LYS A 155 -28.23 -29.31 3.28
C LYS A 155 -28.35 -29.62 4.77
N PRO A 156 -27.50 -30.55 5.29
CA PRO A 156 -27.42 -30.76 6.74
C PRO A 156 -26.65 -29.65 7.43
N ALA A 157 -26.97 -29.41 8.69
CA ALA A 157 -26.39 -28.32 9.47
C ALA A 157 -24.87 -28.43 9.56
N ARG A 158 -24.20 -27.29 9.63
CA ARG A 158 -22.77 -27.28 9.91
C ARG A 158 -22.55 -27.28 11.42
N LEU A 159 -21.43 -27.86 11.84
CA LEU A 159 -21.10 -27.97 13.25
C LEU A 159 -20.11 -26.89 13.69
N ILE A 160 -20.38 -26.29 14.84
CA ILE A 160 -19.48 -25.32 15.43
C ILE A 160 -18.92 -25.91 16.72
N VAL A 161 -17.59 -25.87 16.84
CA VAL A 161 -16.86 -26.37 18.00
C VAL A 161 -16.09 -25.20 18.64
N PHE A 162 -16.32 -24.96 19.93
CA PHE A 162 -15.74 -23.79 20.60
C PHE A 162 -15.50 -24.01 22.09
N PRO A 163 -14.42 -23.40 22.63
CA PRO A 163 -14.15 -23.46 24.07
C PRO A 163 -14.99 -22.46 24.85
N ASP A 164 -14.87 -22.50 26.17
CA ASP A 164 -15.61 -21.61 27.06
C ASP A 164 -15.18 -20.15 26.90
N LEU A 165 -16.11 -19.24 27.16
CA LEU A 165 -15.88 -17.79 27.08
C LEU A 165 -14.52 -17.37 27.64
N GLY A 166 -14.23 -17.77 28.89
CA GLY A 166 -12.98 -17.46 29.56
C GLY A 166 -11.75 -17.75 28.74
N VAL A 167 -11.73 -18.92 28.09
CA VAL A 167 -10.66 -19.32 27.19
C VAL A 167 -10.61 -18.42 25.94
N ARG A 168 -11.77 -18.07 25.39
CA ARG A 168 -11.84 -17.20 24.20
C ARG A 168 -11.20 -15.84 24.45
N VAL A 169 -11.47 -15.27 25.62
CA VAL A 169 -10.81 -14.03 26.05
C VAL A 169 -9.29 -14.23 26.17
N CYS A 170 -8.88 -15.37 26.72
CA CYS A 170 -7.47 -15.72 26.81
C CYS A 170 -6.79 -15.90 25.46
N GLU A 171 -7.51 -16.48 24.49
CA GLU A 171 -7.03 -16.58 23.10
C GLU A 171 -6.67 -15.21 22.54
N LYS A 172 -7.59 -14.25 22.72
CA LYS A 172 -7.38 -12.87 22.28
C LYS A 172 -6.13 -12.24 22.90
N MET A 173 -5.90 -12.48 24.19
CA MET A 173 -4.73 -11.93 24.87
C MET A 173 -3.44 -12.36 24.18
N ALA A 174 -3.32 -13.67 23.93
CA ALA A 174 -2.11 -14.26 23.37
C ALA A 174 -2.00 -14.11 21.85
N LEU A 175 -3.13 -14.17 21.15
CA LEU A 175 -3.10 -14.37 19.71
C LEU A 175 -3.78 -13.31 18.83
N TYR A 176 -4.46 -12.33 19.44
CA TYR A 176 -5.19 -11.34 18.63
C TYR A 176 -4.30 -10.55 17.68
N ASP A 177 -3.16 -10.10 18.20
CA ASP A 177 -2.23 -9.32 17.40
C ASP A 177 -1.59 -10.17 16.31
N VAL A 178 -1.17 -11.38 16.66
CA VAL A 178 -0.55 -12.29 15.70
C VAL A 178 -1.47 -12.52 14.50
N VAL A 179 -2.70 -12.97 14.74
CA VAL A 179 -3.65 -13.31 13.67
C VAL A 179 -4.12 -12.10 12.88
N SER A 180 -3.94 -10.90 13.44
CA SER A 180 -4.30 -9.66 12.76
C SER A 180 -3.19 -9.16 11.85
N THR A 181 -1.96 -9.56 12.13
CA THR A 181 -0.83 -8.94 11.44
C THR A 181 0.04 -9.92 10.65
N LEU A 182 0.21 -11.14 11.16
CA LEU A 182 1.07 -12.15 10.53
C LEU A 182 0.68 -12.52 9.09
N PRO A 183 -0.63 -12.75 8.82
CA PRO A 183 -1.02 -13.25 7.50
C PRO A 183 -0.64 -12.35 6.33
N GLN A 184 -0.72 -11.03 6.52
CA GLN A 184 -0.35 -10.07 5.47
C GLN A 184 1.16 -10.09 5.23
N VAL A 185 1.93 -10.11 6.32
CA VAL A 185 3.39 -10.14 6.24
C VAL A 185 3.87 -11.44 5.58
N VAL A 186 3.23 -12.55 5.89
CA VAL A 186 3.66 -13.84 5.36
C VAL A 186 3.25 -14.01 3.90
N MET A 187 1.99 -13.69 3.61
CA MET A 187 1.39 -14.03 2.32
C MET A 187 1.30 -12.86 1.32
N GLY A 188 1.64 -11.66 1.77
CA GLY A 188 1.66 -10.47 0.91
C GLY A 188 0.30 -10.14 0.29
N SER A 189 0.29 -9.92 -1.02
CA SER A 189 -0.92 -9.54 -1.71
C SER A 189 -1.85 -10.75 -1.94
N SER A 190 -1.34 -11.94 -1.65
CA SER A 190 -2.14 -13.16 -1.71
C SER A 190 -3.18 -13.28 -0.59
N TYR A 191 -2.95 -12.57 0.51
CA TYR A 191 -3.90 -12.57 1.63
C TYR A 191 -5.09 -11.67 1.36
N GLY A 192 -6.26 -12.30 1.18
CA GLY A 192 -7.46 -11.63 0.68
C GLY A 192 -8.28 -10.81 1.66
N PHE A 193 -8.02 -10.99 2.95
CA PHE A 193 -8.81 -10.29 3.97
C PHE A 193 -8.35 -8.85 4.21
N GLN A 194 -7.27 -8.45 3.55
CA GLN A 194 -6.81 -7.06 3.61
C GLN A 194 -7.62 -6.18 2.65
N TYR A 195 -8.34 -6.83 1.74
CA TYR A 195 -9.01 -6.15 0.64
C TYR A 195 -10.46 -5.83 0.91
N SER A 196 -10.82 -4.56 0.68
CA SER A 196 -12.21 -4.14 0.54
C SER A 196 -12.71 -4.65 -0.81
N PRO A 197 -14.04 -4.65 -1.03
CA PRO A 197 -14.55 -5.10 -2.33
C PRO A 197 -13.87 -4.44 -3.52
N GLY A 198 -13.74 -3.11 -3.48
CA GLY A 198 -13.14 -2.36 -4.58
C GLY A 198 -11.71 -2.78 -4.86
N GLN A 199 -10.94 -2.99 -3.80
CA GLN A 199 -9.55 -3.43 -3.92
C GLN A 199 -9.45 -4.87 -4.43
N ARG A 200 -10.38 -5.71 -4.03
CA ARG A 200 -10.39 -7.10 -4.47
C ARG A 200 -10.68 -7.20 -5.96
N VAL A 201 -11.73 -6.50 -6.40
CA VAL A 201 -12.08 -6.38 -7.82
C VAL A 201 -10.87 -5.88 -8.59
N GLU A 202 -10.28 -4.80 -8.08
CA GLU A 202 -9.09 -4.20 -8.67
C GLU A 202 -7.98 -5.23 -8.80
N PHE A 203 -7.75 -6.00 -7.72
CA PHE A 203 -6.67 -6.99 -7.70
C PHE A 203 -6.93 -8.21 -8.59
N LEU A 204 -8.17 -8.67 -8.65
CA LEU A 204 -8.51 -9.78 -9.52
C LEU A 204 -8.35 -9.41 -10.98
N VAL A 205 -8.81 -8.22 -11.34
CA VAL A 205 -8.78 -7.74 -12.73
C VAL A 205 -7.35 -7.47 -13.19
N ASN A 206 -6.58 -6.74 -12.37
CA ASN A 206 -5.17 -6.50 -12.66
C ASN A 206 -4.41 -7.81 -12.85
N THR A 207 -4.64 -8.76 -11.94
CA THR A 207 -4.03 -10.09 -12.02
C THR A 207 -4.42 -10.78 -13.32
N TRP A 208 -5.70 -10.74 -13.65
CA TRP A 208 -6.20 -11.33 -14.90
C TRP A 208 -5.54 -10.69 -16.11
N LYS A 209 -5.30 -9.39 -16.04
CA LYS A 209 -4.70 -8.63 -17.14
C LYS A 209 -3.18 -8.78 -17.25
N SER A 210 -2.53 -9.14 -16.14
CA SER A 210 -1.08 -9.32 -16.12
C SER A 210 -0.63 -10.66 -16.71
N LYS A 211 -1.58 -11.40 -17.28
CA LYS A 211 -1.31 -12.69 -17.89
C LYS A 211 -1.51 -12.63 -19.41
N LYS A 212 -0.52 -13.13 -20.15
CA LYS A 212 -0.57 -13.16 -21.62
C LYS A 212 -1.76 -13.97 -22.13
N ASN A 213 -1.91 -15.19 -21.61
CA ASN A 213 -3.11 -15.99 -21.83
C ASN A 213 -3.65 -16.49 -20.50
N PRO A 214 -4.58 -15.72 -19.88
CA PRO A 214 -5.00 -15.98 -18.51
C PRO A 214 -5.92 -17.20 -18.35
N MET A 215 -5.55 -18.07 -17.41
CA MET A 215 -6.40 -19.16 -16.98
C MET A 215 -6.66 -18.98 -15.48
N GLY A 216 -7.84 -19.36 -15.02
CA GLY A 216 -8.18 -19.25 -13.62
C GLY A 216 -9.05 -20.40 -13.13
N PHE A 217 -8.86 -20.76 -11.86
CA PHE A 217 -9.69 -21.78 -11.21
C PHE A 217 -9.79 -21.54 -9.70
N SER A 218 -10.93 -21.95 -9.14
CA SER A 218 -11.12 -21.98 -7.71
C SER A 218 -10.97 -23.41 -7.26
N TYR A 219 -10.39 -23.60 -6.07
CA TYR A 219 -10.20 -24.94 -5.54
C TYR A 219 -11.05 -25.12 -4.30
N ASP A 220 -12.15 -25.86 -4.45
CA ASP A 220 -13.01 -26.18 -3.34
C ASP A 220 -12.52 -27.44 -2.62
N THR A 221 -11.99 -27.26 -1.41
CA THR A 221 -11.63 -28.39 -0.57
C THR A 221 -12.89 -28.97 0.06
N ARG A 222 -13.00 -30.29 0.05
CA ARG A 222 -14.10 -31.00 0.68
C ARG A 222 -13.91 -30.94 2.21
N CYS A 223 -14.78 -30.17 2.87
CA CYS A 223 -14.78 -30.01 4.33
C CYS A 223 -13.38 -29.67 4.86
N PHE A 224 -12.95 -28.43 4.67
CA PHE A 224 -11.56 -28.05 4.93
C PHE A 224 -11.11 -28.32 6.36
N ASP A 225 -11.97 -27.96 7.32
CA ASP A 225 -11.66 -28.13 8.73
C ASP A 225 -11.26 -29.55 9.07
N SER A 226 -11.97 -30.51 8.48
CA SER A 226 -11.74 -31.93 8.71
C SER A 226 -10.40 -32.41 8.16
N THR A 227 -9.97 -31.83 7.04
CA THR A 227 -8.74 -32.26 6.37
C THR A 227 -7.48 -31.80 7.13
N VAL A 228 -7.65 -30.77 7.95
CA VAL A 228 -6.54 -30.22 8.72
C VAL A 228 -6.08 -31.22 9.78
N THR A 229 -4.79 -31.56 9.72
CA THR A 229 -4.20 -32.58 10.59
C THR A 229 -3.55 -31.96 11.84
N GLU A 230 -3.21 -32.80 12.82
CA GLU A 230 -2.43 -32.40 13.97
C GLU A 230 -1.12 -31.78 13.51
N ASN A 231 -0.53 -32.35 12.47
CA ASN A 231 0.66 -31.78 11.87
C ASN A 231 0.45 -30.32 11.44
N ASP A 232 -0.61 -30.06 10.69
CA ASP A 232 -0.90 -28.71 10.17
C ASP A 232 -1.02 -27.69 11.30
N ILE A 233 -1.61 -28.10 12.40
CA ILE A 233 -1.80 -27.24 13.57
C ILE A 233 -0.47 -27.02 14.30
N ARG A 234 0.38 -28.04 14.35
CA ARG A 234 1.74 -27.90 14.88
C ARG A 234 2.59 -27.00 14.00
N VAL A 235 2.47 -27.18 12.69
CA VAL A 235 3.19 -26.39 11.70
C VAL A 235 2.76 -24.91 11.78
N GLU A 236 1.45 -24.68 11.91
CA GLU A 236 0.95 -23.32 12.03
C GLU A 236 1.38 -22.67 13.34
N GLU A 237 1.57 -23.46 14.40
CA GLU A 237 2.09 -22.93 15.65
C GLU A 237 3.57 -22.56 15.54
N SER A 238 4.34 -23.38 14.83
CA SER A 238 5.76 -23.07 14.62
C SER A 238 5.92 -21.76 13.85
N ILE A 239 4.92 -21.43 13.01
CA ILE A 239 4.90 -20.14 12.31
C ILE A 239 4.67 -18.99 13.28
N TYR A 240 3.68 -19.14 14.17
CA TYR A 240 3.42 -18.14 15.20
C TYR A 240 4.67 -17.88 16.06
N GLN A 241 5.34 -18.95 16.46
CA GLN A 241 6.52 -18.88 17.33
C GLN A 241 7.72 -18.14 16.73
N CYS A 242 7.72 -17.97 15.41
CA CYS A 242 8.75 -17.17 14.73
C CYS A 242 8.68 -15.68 15.08
N CYS A 243 7.50 -15.21 15.49
CA CYS A 243 7.33 -13.81 15.85
C CYS A 243 8.12 -13.45 17.09
N ASP A 244 8.50 -12.17 17.18
CA ASP A 244 8.98 -11.59 18.42
C ASP A 244 7.78 -11.50 19.37
N LEU A 245 7.84 -12.27 20.47
CA LEU A 245 6.72 -12.38 21.40
C LEU A 245 7.17 -12.35 22.85
N ALA A 246 6.33 -11.77 23.71
CA ALA A 246 6.52 -11.83 25.15
C ALA A 246 6.57 -13.29 25.58
N PRO A 247 7.48 -13.62 26.53
CA PRO A 247 7.60 -15.01 27.02
C PRO A 247 6.29 -15.60 27.54
N GLU A 248 5.35 -14.74 27.94
CA GLU A 248 4.03 -15.19 28.35
C GLU A 248 3.15 -15.57 27.15
N ALA A 249 3.29 -14.83 26.05
CA ALA A 249 2.58 -15.16 24.81
C ALA A 249 3.04 -16.49 24.23
N ARG A 250 4.36 -16.75 24.24
CA ARG A 250 4.92 -18.02 23.77
C ARG A 250 4.39 -19.21 24.51
N GLN A 251 4.28 -19.07 25.82
CA GLN A 251 3.79 -20.14 26.67
C GLN A 251 2.33 -20.41 26.36
N ALA A 252 1.52 -19.35 26.37
CA ALA A 252 0.09 -19.45 26.14
C ALA A 252 -0.23 -20.06 24.78
N ILE A 253 0.48 -19.61 23.74
CA ILE A 253 0.28 -20.09 22.37
C ILE A 253 0.54 -21.59 22.29
N LYS A 254 1.69 -22.02 22.80
CA LYS A 254 2.07 -23.44 22.85
C LYS A 254 1.00 -24.25 23.58
N SER A 255 0.59 -23.75 24.73
CA SER A 255 -0.42 -24.37 25.55
C SER A 255 -1.76 -24.52 24.82
N LEU A 256 -2.22 -23.44 24.17
CA LEU A 256 -3.49 -23.46 23.44
C LEU A 256 -3.43 -24.41 22.26
N THR A 257 -2.26 -24.50 21.64
CA THR A 257 -2.03 -25.41 20.53
C THR A 257 -2.16 -26.88 20.97
N GLU A 258 -1.52 -27.23 22.08
CA GLU A 258 -1.55 -28.61 22.59
C GLU A 258 -2.89 -28.95 23.23
N ARG A 259 -3.51 -27.97 23.88
CA ARG A 259 -4.69 -28.23 24.69
C ARG A 259 -6.01 -27.93 23.98
N LEU A 260 -5.97 -27.08 22.96
CA LEU A 260 -7.20 -26.67 22.27
C LEU A 260 -7.15 -26.90 20.76
N TYR A 261 -6.18 -26.28 20.10
CA TYR A 261 -6.16 -26.24 18.63
C TYR A 261 -5.90 -27.60 17.95
N ILE A 262 -5.05 -28.42 18.56
CA ILE A 262 -4.72 -29.75 18.03
C ILE A 262 -5.89 -30.73 18.13
N GLY A 263 -6.67 -30.60 19.19
CA GLY A 263 -7.81 -31.48 19.42
C GLY A 263 -8.32 -31.40 20.83
N GLY A 264 -9.31 -32.24 21.13
CA GLY A 264 -9.93 -32.27 22.44
C GLY A 264 -11.31 -32.90 22.47
N PRO A 265 -11.87 -33.11 23.67
CA PRO A 265 -13.18 -33.73 23.81
C PRO A 265 -14.28 -32.78 23.34
N LEU A 266 -15.40 -33.35 22.91
CA LEU A 266 -16.53 -32.59 22.43
C LEU A 266 -17.74 -32.81 23.33
N THR A 267 -18.31 -31.71 23.82
CA THR A 267 -19.42 -31.78 24.76
C THR A 267 -20.66 -31.07 24.21
N ASN A 268 -21.78 -31.78 24.16
CA ASN A 268 -23.05 -31.19 23.73
C ASN A 268 -23.58 -30.17 24.76
N SER A 269 -24.58 -29.38 24.36
CA SER A 269 -25.11 -28.31 25.22
C SER A 269 -25.71 -28.81 26.54
N LYS A 270 -26.08 -30.08 26.59
CA LYS A 270 -26.63 -30.68 27.80
C LYS A 270 -25.55 -31.11 28.80
N GLY A 271 -24.32 -31.31 28.31
CA GLY A 271 -23.21 -31.68 29.18
C GLY A 271 -22.66 -33.07 28.95
N GLN A 272 -23.19 -33.77 27.95
CA GLN A 272 -22.73 -35.13 27.61
C GLN A 272 -21.55 -35.08 26.64
N ASN A 273 -20.67 -36.06 26.73
CA ASN A 273 -19.53 -36.19 25.83
C ASN A 273 -19.94 -36.85 24.51
N CYS A 274 -19.71 -36.14 23.40
CA CYS A 274 -20.04 -36.63 22.06
C CYS A 274 -18.90 -37.39 21.40
N GLY A 275 -17.68 -37.13 21.85
CA GLY A 275 -16.48 -37.75 21.30
C GLY A 275 -15.28 -36.84 21.31
N TYR A 276 -14.37 -37.08 20.36
CA TYR A 276 -13.07 -36.42 20.34
C TYR A 276 -12.78 -35.82 18.97
N ARG A 277 -12.12 -34.66 18.97
CA ARG A 277 -11.76 -33.98 17.72
C ARG A 277 -10.25 -34.02 17.51
N ARG A 278 -9.82 -34.35 16.28
CA ARG A 278 -8.40 -34.34 15.91
C ARG A 278 -8.15 -33.49 14.66
N CYS A 279 -9.02 -32.52 14.43
CA CYS A 279 -8.90 -31.59 13.32
C CYS A 279 -9.22 -30.17 13.76
N ARG A 280 -9.36 -29.27 12.79
CA ARG A 280 -9.62 -27.87 13.07
C ARG A 280 -10.95 -27.65 13.77
N ALA A 281 -10.89 -27.01 14.94
CA ALA A 281 -12.08 -26.46 15.58
C ALA A 281 -12.49 -25.19 14.84
N SER A 282 -13.80 -25.06 14.58
CA SER A 282 -14.32 -23.97 13.76
C SER A 282 -14.61 -22.69 14.54
N GLY A 283 -14.57 -22.79 15.86
CA GLY A 283 -14.90 -21.66 16.74
C GLY A 283 -13.77 -21.24 17.66
N VAL A 284 -12.56 -21.15 17.10
CA VAL A 284 -11.43 -20.63 17.85
C VAL A 284 -10.84 -19.42 17.12
N LEU A 285 -10.09 -18.59 17.85
CA LEU A 285 -9.58 -17.35 17.30
C LEU A 285 -8.71 -17.57 16.04
N THR A 286 -7.96 -18.67 16.02
CA THR A 286 -7.01 -18.96 14.94
C THR A 286 -7.62 -19.71 13.75
N THR A 287 -8.95 -19.90 13.77
CA THR A 287 -9.62 -20.63 12.69
C THR A 287 -9.30 -20.02 11.33
N SER A 288 -9.52 -18.71 11.20
CA SER A 288 -9.31 -18.00 9.94
C SER A 288 -7.85 -17.96 9.49
N CYS A 289 -6.98 -17.49 10.37
CA CYS A 289 -5.56 -17.33 10.07
C CYS A 289 -4.88 -18.68 9.84
N GLY A 290 -5.24 -19.67 10.66
CA GLY A 290 -4.72 -21.03 10.52
C GLY A 290 -5.08 -21.69 9.21
N ASN A 291 -6.35 -21.57 8.81
CA ASN A 291 -6.82 -22.09 7.53
C ASN A 291 -6.17 -21.37 6.37
N THR A 292 -6.07 -20.04 6.48
CA THR A 292 -5.44 -19.23 5.45
C THR A 292 -3.97 -19.64 5.25
N LEU A 293 -3.23 -19.75 6.35
CA LEU A 293 -1.82 -20.16 6.28
C LEU A 293 -1.66 -21.56 5.71
N THR A 294 -2.55 -22.47 6.13
CA THR A 294 -2.44 -23.87 5.74
C THR A 294 -2.85 -24.06 4.29
N CYS A 295 -3.89 -23.34 3.88
CA CYS A 295 -4.33 -23.37 2.48
C CYS A 295 -3.27 -22.78 1.57
N TYR A 296 -2.71 -21.64 1.95
CA TYR A 296 -1.68 -20.95 1.18
C TYR A 296 -0.43 -21.81 1.05
N LEU A 297 -0.01 -22.40 2.17
CA LEU A 297 1.15 -23.27 2.19
C LEU A 297 0.96 -24.43 1.21
N LYS A 298 -0.18 -25.11 1.31
CA LYS A 298 -0.45 -26.29 0.50
C LYS A 298 -0.54 -25.99 -0.99
N ALA A 299 -1.34 -24.97 -1.32
CA ALA A 299 -1.53 -24.55 -2.71
C ALA A 299 -0.25 -24.08 -3.37
N SER A 300 0.50 -23.19 -2.70
CA SER A 300 1.76 -22.68 -3.25
C SER A 300 2.70 -23.82 -3.64
N ALA A 301 2.83 -24.78 -2.73
CA ALA A 301 3.62 -25.99 -2.94
C ALA A 301 3.07 -26.85 -4.06
N ALA A 302 1.74 -26.88 -4.19
CA ALA A 302 1.07 -27.66 -5.22
C ALA A 302 1.18 -27.00 -6.59
N CYS A 303 1.39 -25.68 -6.60
CA CYS A 303 1.68 -24.95 -7.83
C CYS A 303 3.06 -25.28 -8.36
N ARG A 304 4.02 -25.46 -7.45
CA ARG A 304 5.39 -25.84 -7.79
C ARG A 304 5.43 -27.26 -8.32
N ALA A 305 4.64 -28.15 -7.72
CA ALA A 305 4.54 -29.54 -8.16
C ALA A 305 3.85 -29.69 -9.52
N ALA A 306 2.83 -28.86 -9.77
CA ALA A 306 2.08 -28.90 -11.01
C ALA A 306 2.70 -28.01 -12.08
N LYS A 307 3.77 -27.30 -11.69
CA LYS A 307 4.55 -26.44 -12.59
C LYS A 307 3.67 -25.40 -13.30
N LEU A 308 2.79 -24.77 -12.53
CA LEU A 308 1.91 -23.72 -13.04
C LEU A 308 2.71 -22.47 -13.38
N GLN A 309 2.54 -21.99 -14.61
CA GLN A 309 3.30 -20.84 -15.10
C GLN A 309 2.75 -19.52 -14.57
N ASP A 310 3.58 -18.79 -13.83
CA ASP A 310 3.27 -17.46 -13.31
C ASP A 310 1.88 -17.42 -12.63
N CYS A 311 1.75 -18.15 -11.53
CA CYS A 311 0.48 -18.19 -10.82
C CYS A 311 0.41 -17.17 -9.68
N THR A 312 -0.68 -16.42 -9.68
CA THR A 312 -0.99 -15.51 -8.59
C THR A 312 -2.12 -16.13 -7.77
N MET A 313 -1.91 -16.22 -6.46
CA MET A 313 -2.88 -16.83 -5.57
C MET A 313 -3.62 -15.80 -4.77
N LEU A 314 -4.91 -16.05 -4.55
CA LEU A 314 -5.72 -15.27 -3.64
C LEU A 314 -6.41 -16.21 -2.66
N VAL A 315 -6.07 -16.03 -1.38
CA VAL A 315 -6.56 -16.94 -0.33
C VAL A 315 -7.34 -16.19 0.75
N ASN A 316 -8.49 -16.73 1.11
CA ASN A 316 -9.28 -16.23 2.23
C ASN A 316 -9.73 -17.40 3.07
N GLY A 317 -8.97 -17.70 4.12
CA GLY A 317 -9.21 -18.91 4.91
C GLY A 317 -9.08 -20.13 4.03
N ASP A 318 -10.15 -20.90 3.93
CA ASP A 318 -10.20 -22.10 3.08
C ASP A 318 -10.66 -21.81 1.64
N ASP A 319 -10.96 -20.56 1.35
CA ASP A 319 -11.37 -20.16 0.01
C ASP A 319 -10.14 -19.78 -0.83
N LEU A 320 -9.98 -20.45 -1.97
CA LEU A 320 -8.77 -20.35 -2.76
C LEU A 320 -9.03 -20.16 -4.25
N VAL A 321 -8.38 -19.17 -4.83
CA VAL A 321 -8.44 -18.94 -6.27
C VAL A 321 -7.02 -18.72 -6.85
N VAL A 322 -6.76 -19.38 -7.98
CA VAL A 322 -5.47 -19.29 -8.65
C VAL A 322 -5.66 -18.73 -10.06
N ILE A 323 -4.81 -17.77 -10.43
CA ILE A 323 -4.78 -17.23 -11.80
C ILE A 323 -3.37 -17.33 -12.35
N CYS A 324 -3.24 -17.92 -13.53
CA CYS A 324 -1.93 -18.16 -14.14
C CYS A 324 -1.95 -18.16 -15.67
N GLU A 325 -0.79 -18.38 -16.28
CA GLU A 325 -0.66 -18.48 -17.73
C GLU A 325 -1.17 -19.83 -18.24
N SER A 326 -2.00 -19.80 -19.28
CA SER A 326 -2.54 -21.00 -19.91
C SER A 326 -1.51 -21.70 -20.81
N ALA A 327 -1.55 -23.03 -20.82
CA ALA A 327 -0.77 -23.83 -21.77
C ALA A 327 -1.66 -24.54 -22.80
N GLY A 328 -2.88 -24.02 -22.95
CA GLY A 328 -3.91 -24.67 -23.76
C GLY A 328 -4.78 -25.57 -22.91
N THR A 329 -6.01 -25.83 -23.37
CA THR A 329 -7.02 -26.51 -22.55
C THR A 329 -6.63 -27.92 -22.08
N GLN A 330 -5.84 -28.64 -22.88
CA GLN A 330 -5.41 -29.99 -22.53
C GLN A 330 -4.35 -29.96 -21.43
N GLU A 331 -3.35 -29.08 -21.61
CA GLU A 331 -2.28 -28.94 -20.65
C GLU A 331 -2.76 -28.36 -19.32
N ASP A 332 -3.75 -27.47 -19.39
CA ASP A 332 -4.37 -26.90 -18.21
C ASP A 332 -5.13 -27.96 -17.42
N ALA A 333 -5.82 -28.85 -18.13
CA ALA A 333 -6.58 -29.93 -17.50
C ALA A 333 -5.67 -30.93 -16.80
N ALA A 334 -4.53 -31.22 -17.42
CA ALA A 334 -3.53 -32.14 -16.87
C ALA A 334 -2.72 -31.47 -15.75
N SER A 335 -2.53 -30.16 -15.85
CA SER A 335 -1.91 -29.38 -14.78
C SER A 335 -2.73 -29.43 -13.49
N LEU A 336 -4.05 -29.19 -13.62
CA LEU A 336 -4.94 -29.15 -12.47
C LEU A 336 -5.06 -30.51 -11.77
N ARG A 337 -4.96 -31.59 -12.54
CA ARG A 337 -4.94 -32.95 -11.96
C ARG A 337 -3.74 -33.15 -11.03
N VAL A 338 -2.57 -32.69 -11.49
CA VAL A 338 -1.34 -32.77 -10.70
C VAL A 338 -1.48 -31.90 -9.45
N PHE A 339 -2.02 -30.70 -9.64
CA PHE A 339 -2.37 -29.80 -8.53
C PHE A 339 -3.27 -30.51 -7.52
N THR A 340 -4.31 -31.17 -8.03
CA THR A 340 -5.30 -31.88 -7.21
C THR A 340 -4.70 -33.10 -6.51
N GLU A 341 -3.82 -33.82 -7.20
CA GLU A 341 -3.10 -34.94 -6.60
C GLU A 341 -2.19 -34.46 -5.46
N ALA A 342 -1.41 -33.41 -5.73
CA ALA A 342 -0.56 -32.80 -4.73
C ALA A 342 -1.38 -32.38 -3.51
N MET A 343 -2.44 -31.61 -3.74
CA MET A 343 -3.31 -31.15 -2.65
C MET A 343 -3.88 -32.34 -1.88
N THR A 344 -4.22 -33.40 -2.62
CA THR A 344 -4.77 -34.62 -2.02
C THR A 344 -3.74 -35.30 -1.12
N ARG A 345 -2.49 -35.37 -1.58
CA ARG A 345 -1.39 -35.91 -0.77
C ARG A 345 -1.15 -35.09 0.51
N TYR A 346 -1.25 -33.76 0.39
CA TYR A 346 -1.09 -32.86 1.53
C TYR A 346 -2.32 -32.87 2.44
N SER A 347 -3.28 -33.75 2.15
CA SER A 347 -4.53 -33.83 2.89
C SER A 347 -5.40 -32.60 2.70
N ALA A 348 -5.68 -32.28 1.45
CA ALA A 348 -6.68 -31.28 1.10
C ALA A 348 -7.34 -31.69 -0.21
N PRO A 349 -8.13 -32.79 -0.18
CA PRO A 349 -8.77 -33.27 -1.39
C PRO A 349 -9.90 -32.32 -1.83
N PRO A 350 -10.32 -32.41 -3.11
CA PRO A 350 -11.37 -31.51 -3.58
C PRO A 350 -12.78 -32.01 -3.26
N GLY A 351 -13.76 -31.09 -3.31
CA GLY A 351 -15.17 -31.45 -3.32
C GLY A 351 -15.56 -31.72 -4.76
N ASP A 352 -15.89 -30.65 -5.48
CA ASP A 352 -16.03 -30.71 -6.94
C ASP A 352 -14.62 -30.72 -7.54
N PRO A 353 -14.42 -31.46 -8.64
CA PRO A 353 -13.13 -31.38 -9.31
C PRO A 353 -12.92 -29.96 -9.85
N PRO A 354 -11.72 -29.38 -9.66
CA PRO A 354 -11.51 -28.04 -10.19
C PRO A 354 -11.57 -28.02 -11.71
N GLN A 355 -12.15 -26.97 -12.27
CA GLN A 355 -12.25 -26.77 -13.71
C GLN A 355 -11.52 -25.49 -14.10
N PRO A 356 -10.75 -25.52 -15.19
CA PRO A 356 -10.10 -24.31 -15.66
C PRO A 356 -11.09 -23.40 -16.41
N GLU A 357 -11.11 -22.13 -16.06
CA GLU A 357 -11.98 -21.14 -16.71
C GLU A 357 -11.15 -20.12 -17.45
N TYR A 358 -11.68 -19.65 -18.59
CA TYR A 358 -10.97 -18.72 -19.46
C TYR A 358 -11.66 -17.35 -19.51
N ASP A 359 -12.75 -17.24 -18.76
CA ASP A 359 -13.51 -16.01 -18.61
C ASP A 359 -13.55 -15.66 -17.12
N LEU A 360 -13.04 -14.47 -16.78
CA LEU A 360 -12.92 -14.06 -15.37
C LEU A 360 -14.25 -14.06 -14.65
N GLU A 361 -15.31 -13.79 -15.41
CA GLU A 361 -16.66 -13.67 -14.87
C GLU A 361 -17.28 -15.02 -14.50
N LEU A 362 -16.70 -16.10 -14.98
CA LEU A 362 -17.20 -17.44 -14.70
C LEU A 362 -16.50 -18.06 -13.49
N ILE A 363 -15.58 -17.32 -12.91
CA ILE A 363 -14.83 -17.76 -11.74
C ILE A 363 -15.50 -17.28 -10.44
N THR A 364 -15.81 -18.23 -9.56
CA THR A 364 -16.36 -17.95 -8.23
C THR A 364 -15.29 -18.11 -7.16
N SER A 365 -15.04 -17.03 -6.41
CA SER A 365 -14.19 -17.05 -5.23
C SER A 365 -14.80 -16.16 -4.17
N CYS A 366 -14.74 -16.61 -2.92
CA CYS A 366 -15.46 -15.99 -1.80
C CYS A 366 -16.94 -15.82 -2.14
N SER A 367 -17.50 -16.86 -2.75
CA SER A 367 -18.90 -16.90 -3.19
C SER A 367 -19.27 -15.78 -4.18
N SER A 368 -18.24 -15.09 -4.69
CA SER A 368 -18.42 -13.94 -5.56
C SER A 368 -17.72 -14.10 -6.92
N ASN A 369 -18.37 -13.60 -7.96
CA ASN A 369 -17.74 -13.49 -9.29
C ASN A 369 -17.65 -12.04 -9.72
N VAL A 370 -16.68 -11.75 -10.57
CA VAL A 370 -16.52 -10.44 -11.19
C VAL A 370 -17.61 -10.25 -12.26
N SER A 371 -18.10 -9.02 -12.38
CA SER A 371 -18.97 -8.64 -13.49
C SER A 371 -18.75 -7.18 -13.86
N VAL A 372 -19.38 -6.76 -14.94
CA VAL A 372 -19.16 -5.40 -15.47
C VAL A 372 -20.45 -4.61 -15.66
N ALA A 373 -20.41 -3.34 -15.30
CA ALA A 373 -21.48 -2.40 -15.60
C ALA A 373 -20.87 -1.08 -16.04
N HIS A 374 -21.70 -0.10 -16.37
CA HIS A 374 -21.24 1.22 -16.76
C HIS A 374 -21.79 2.29 -15.83
N ASP A 375 -20.99 3.31 -15.53
CA ASP A 375 -21.41 4.41 -14.64
C ASP A 375 -22.06 5.58 -15.39
N ALA A 376 -22.09 6.76 -14.75
CA ALA A 376 -22.72 7.95 -15.31
C ALA A 376 -22.05 8.43 -16.61
N SER A 377 -20.73 8.28 -16.69
CA SER A 377 -19.96 8.66 -17.87
C SER A 377 -19.97 7.57 -18.95
N GLY A 378 -20.71 6.49 -18.71
CA GLY A 378 -20.69 5.33 -19.60
C GLY A 378 -19.44 4.49 -19.42
N LYS A 379 -18.55 4.97 -18.55
CA LYS A 379 -17.24 4.37 -18.32
C LYS A 379 -17.32 3.02 -17.59
N ARG A 380 -16.81 1.97 -18.24
CA ARG A 380 -16.81 0.60 -17.70
C ARG A 380 -16.27 0.53 -16.29
N VAL A 381 -16.95 -0.26 -15.47
CA VAL A 381 -16.56 -0.43 -14.06
C VAL A 381 -16.88 -1.84 -13.59
N TYR A 382 -15.89 -2.47 -12.97
CA TYR A 382 -16.03 -3.83 -12.46
C TYR A 382 -16.50 -3.84 -11.02
N TYR A 383 -17.30 -4.85 -10.69
CA TYR A 383 -17.82 -5.05 -9.34
C TYR A 383 -18.02 -6.53 -9.08
N LEU A 384 -18.03 -6.91 -7.80
CA LEU A 384 -18.25 -8.31 -7.43
C LEU A 384 -19.73 -8.54 -7.15
N THR A 385 -20.20 -9.70 -7.60
CA THR A 385 -21.59 -10.11 -7.44
C THR A 385 -21.66 -11.62 -7.18
N ARG A 386 -22.87 -12.12 -6.97
CA ARG A 386 -23.12 -13.53 -6.74
C ARG A 386 -24.56 -13.89 -7.09
N ASP A 387 -24.86 -15.18 -7.14
CA ASP A 387 -26.24 -15.63 -7.22
C ASP A 387 -26.95 -15.13 -5.97
N PRO A 388 -28.09 -14.44 -6.14
CA PRO A 388 -28.74 -13.80 -5.01
C PRO A 388 -29.72 -14.70 -4.26
N THR A 389 -29.79 -15.98 -4.62
CA THR A 389 -30.73 -16.92 -4.02
C THR A 389 -30.64 -17.03 -2.50
N THR A 390 -29.43 -17.24 -1.98
CA THR A 390 -29.24 -17.37 -0.54
C THR A 390 -29.45 -16.03 0.19
N PRO A 391 -28.77 -14.95 -0.24
CA PRO A 391 -29.00 -13.66 0.41
C PRO A 391 -30.48 -13.26 0.51
N LEU A 392 -31.28 -13.59 -0.52
CA LEU A 392 -32.70 -13.26 -0.52
C LEU A 392 -33.50 -14.16 0.41
N ALA A 393 -33.21 -15.47 0.36
CA ALA A 393 -33.78 -16.42 1.29
C ALA A 393 -33.55 -16.02 2.76
N ARG A 394 -32.36 -15.50 3.06
CA ARG A 394 -32.01 -15.09 4.42
C ARG A 394 -32.62 -13.75 4.81
N ALA A 395 -32.78 -12.86 3.83
CA ALA A 395 -33.48 -11.60 4.04
C ALA A 395 -34.95 -11.89 4.38
N ALA A 396 -35.52 -12.88 3.69
CA ALA A 396 -36.89 -13.31 3.95
C ALA A 396 -37.09 -13.77 5.39
N TRP A 397 -36.12 -14.55 5.88
CA TRP A 397 -36.10 -15.02 7.26
C TRP A 397 -35.99 -13.84 8.23
N GLU A 398 -35.13 -12.88 7.88
CA GLU A 398 -34.86 -11.71 8.71
C GLU A 398 -35.95 -10.64 8.61
N THR A 399 -36.85 -10.81 7.65
CA THR A 399 -38.06 -9.99 7.55
C THR A 399 -39.08 -10.40 8.62
N ALA A 400 -39.05 -11.68 9.00
CA ALA A 400 -40.01 -12.22 9.97
C ALA A 400 -39.39 -12.53 11.35
N ARG A 401 -38.07 -12.71 11.41
CA ARG A 401 -37.39 -12.95 12.69
C ARG A 401 -36.20 -12.02 12.93
N HIS A 402 -36.13 -11.44 14.12
CA HIS A 402 -34.95 -10.73 14.58
C HIS A 402 -33.82 -11.74 14.81
N THR A 403 -32.65 -11.44 14.27
CA THR A 403 -31.46 -12.31 14.37
C THR A 403 -30.29 -11.58 15.03
N PRO A 404 -29.36 -12.33 15.63
CA PRO A 404 -28.16 -11.68 16.21
C PRO A 404 -27.25 -11.03 15.15
N VAL A 405 -27.19 -11.64 13.96
CA VAL A 405 -26.44 -11.11 12.83
C VAL A 405 -27.43 -10.81 11.69
N ASN A 406 -27.44 -9.56 11.24
CA ASN A 406 -28.30 -9.18 10.13
C ASN A 406 -27.54 -9.33 8.82
N SER A 407 -27.76 -10.45 8.15
CA SER A 407 -27.08 -10.75 6.90
C SER A 407 -27.46 -9.79 5.77
N TRP A 408 -28.68 -9.25 5.82
CA TRP A 408 -29.15 -8.33 4.77
C TRP A 408 -28.26 -7.09 4.66
N LEU A 409 -27.84 -6.56 5.81
CA LEU A 409 -26.95 -5.42 5.89
C LEU A 409 -25.54 -5.78 5.42
N GLY A 410 -25.07 -6.97 5.83
CA GLY A 410 -23.78 -7.48 5.38
C GLY A 410 -23.75 -7.53 3.87
N ASN A 411 -24.81 -8.06 3.27
CA ASN A 411 -24.93 -8.20 1.81
C ASN A 411 -25.05 -6.86 1.10
N ILE A 412 -25.77 -5.90 1.69
CA ILE A 412 -25.82 -4.55 1.12
C ILE A 412 -24.44 -3.91 1.18
N ILE A 413 -23.77 -3.99 2.33
CA ILE A 413 -22.44 -3.42 2.48
C ILE A 413 -21.42 -4.02 1.50
N MET A 414 -21.47 -5.33 1.34
CA MET A 414 -20.47 -6.01 0.50
C MET A 414 -20.86 -6.07 -0.98
N TYR A 415 -22.16 -5.99 -1.27
CA TYR A 415 -22.66 -6.10 -2.65
C TYR A 415 -23.43 -4.87 -3.12
N ALA A 416 -23.17 -3.72 -2.50
CA ALA A 416 -23.84 -2.47 -2.85
C ALA A 416 -23.95 -2.17 -4.35
N PRO A 417 -22.88 -2.45 -5.14
CA PRO A 417 -23.00 -2.11 -6.57
C PRO A 417 -23.95 -3.01 -7.37
N THR A 418 -24.32 -4.16 -6.81
CA THR A 418 -25.09 -5.16 -7.56
C THR A 418 -26.54 -4.73 -7.78
N LEU A 419 -27.13 -5.32 -8.81
CA LEU A 419 -28.50 -5.06 -9.23
C LEU A 419 -29.52 -5.52 -8.19
N TRP A 420 -29.26 -6.66 -7.57
CA TRP A 420 -30.19 -7.28 -6.64
C TRP A 420 -30.13 -6.68 -5.24
N ALA A 421 -28.95 -6.19 -4.86
CA ALA A 421 -28.78 -5.53 -3.56
C ALA A 421 -29.36 -4.12 -3.57
N ARG A 422 -29.31 -3.47 -4.73
CA ARG A 422 -29.77 -2.09 -4.85
C ARG A 422 -31.29 -2.03 -4.96
N MET A 423 -31.84 -2.83 -5.87
CA MET A 423 -33.25 -2.76 -6.21
C MET A 423 -34.15 -3.52 -5.23
N ILE A 424 -33.65 -4.62 -4.69
CA ILE A 424 -34.46 -5.44 -3.79
C ILE A 424 -34.08 -5.22 -2.33
N LEU A 425 -32.83 -5.48 -1.99
CA LEU A 425 -32.40 -5.44 -0.59
C LEU A 425 -32.52 -4.05 0.05
N MET A 426 -32.05 -3.03 -0.64
CA MET A 426 -32.11 -1.66 -0.13
C MET A 426 -33.56 -1.19 0.02
N THR A 427 -34.35 -1.40 -1.02
CA THR A 427 -35.75 -0.98 -1.11
C THR A 427 -36.61 -1.62 -0.01
N HIS A 428 -36.48 -2.94 0.15
CA HIS A 428 -37.27 -3.70 1.10
C HIS A 428 -37.01 -3.29 2.54
N PHE A 429 -35.73 -3.22 2.91
CA PHE A 429 -35.34 -3.00 4.29
C PHE A 429 -35.48 -1.56 4.75
N PHE A 430 -35.18 -0.61 3.87
CA PHE A 430 -35.42 0.79 4.19
C PHE A 430 -36.90 1.07 4.38
N SER A 431 -37.72 0.37 3.60
CA SER A 431 -39.16 0.38 3.78
C SER A 431 -39.53 -0.06 5.19
N ILE A 432 -38.94 -1.16 5.65
CA ILE A 432 -39.19 -1.70 6.99
C ILE A 432 -38.72 -0.72 8.08
N LEU A 433 -37.54 -0.15 7.91
CA LEU A 433 -36.96 0.76 8.89
C LEU A 433 -37.74 2.07 9.01
N LEU A 434 -38.32 2.53 7.90
CA LEU A 434 -39.15 3.74 7.90
C LEU A 434 -40.44 3.54 8.69
N ALA A 435 -41.13 2.43 8.42
CA ALA A 435 -42.39 2.09 9.09
C ALA A 435 -42.25 1.88 10.61
N GLN A 436 -41.06 1.46 11.05
CA GLN A 436 -40.77 1.28 12.48
C GLN A 436 -40.13 2.51 13.09
N GLU A 437 -39.69 3.42 12.22
CA GLU A 437 -38.90 4.59 12.63
C GLU A 437 -37.62 4.16 13.34
N GLN A 438 -36.90 3.24 12.70
CA GLN A 438 -35.68 2.68 13.29
C GLN A 438 -34.44 2.92 12.43
N LEU A 439 -34.42 4.06 11.75
CA LEU A 439 -33.27 4.48 10.94
C LEU A 439 -32.03 4.77 11.79
N GLU A 440 -32.25 5.38 12.95
CA GLU A 440 -31.15 5.77 13.86
C GLU A 440 -30.61 4.56 14.65
N LYS A 441 -31.31 3.43 14.58
CA LYS A 441 -30.99 2.26 15.41
C LYS A 441 -29.79 1.46 14.89
N ALA A 442 -28.79 1.29 15.75
CA ALA A 442 -27.56 0.57 15.42
C ALA A 442 -27.81 -0.92 15.26
N LEU A 443 -27.31 -1.50 14.16
CA LEU A 443 -27.53 -2.90 13.84
C LEU A 443 -26.23 -3.70 13.73
N ASP A 444 -26.29 -4.96 14.15
CA ASP A 444 -25.14 -5.88 14.13
C ASP A 444 -25.05 -6.67 12.83
N CYS A 445 -23.85 -6.70 12.26
CA CYS A 445 -23.59 -7.53 11.08
C CYS A 445 -22.16 -8.04 11.07
N GLN A 446 -21.85 -8.93 10.13
CA GLN A 446 -20.52 -9.52 10.04
C GLN A 446 -19.77 -9.18 8.76
N ILE A 447 -18.55 -8.70 8.92
CA ILE A 447 -17.62 -8.52 7.81
C ILE A 447 -16.34 -9.29 8.09
N TYR A 448 -16.05 -10.26 7.23
CA TYR A 448 -14.90 -11.15 7.33
C TYR A 448 -14.82 -11.83 8.70
N GLY A 449 -15.97 -12.26 9.21
CA GLY A 449 -16.08 -12.98 10.49
C GLY A 449 -16.24 -12.08 11.71
N ALA A 450 -15.89 -10.81 11.57
CA ALA A 450 -15.95 -9.87 12.69
C ALA A 450 -17.32 -9.20 12.79
N CYS A 451 -17.77 -8.96 14.03
CA CYS A 451 -19.07 -8.36 14.29
C CYS A 451 -18.97 -6.84 14.38
N TYR A 452 -19.92 -6.15 13.73
CA TYR A 452 -19.91 -4.69 13.67
C TYR A 452 -21.27 -4.09 14.00
N SER A 453 -21.28 -3.11 14.91
CA SER A 453 -22.46 -2.31 15.18
C SER A 453 -22.52 -1.17 14.16
N ILE A 454 -23.53 -1.21 13.28
CA ILE A 454 -23.62 -0.26 12.18
C ILE A 454 -24.94 0.50 12.19
N GLU A 455 -24.84 1.82 12.05
CA GLU A 455 -26.02 2.65 11.85
C GLU A 455 -26.37 2.71 10.37
N PRO A 456 -27.58 2.29 9.99
CA PRO A 456 -28.01 2.24 8.60
C PRO A 456 -27.84 3.56 7.85
N LEU A 457 -27.96 4.69 8.56
CA LEU A 457 -27.83 6.01 7.95
C LEU A 457 -26.40 6.32 7.46
N ASP A 458 -25.43 5.48 7.86
CA ASP A 458 -24.04 5.61 7.41
C ASP A 458 -23.74 4.79 6.16
N LEU A 459 -24.74 4.06 5.68
CA LEU A 459 -24.58 3.26 4.46
C LEU A 459 -24.03 4.03 3.26
N PRO A 460 -24.57 5.23 2.96
CA PRO A 460 -24.00 5.99 1.84
C PRO A 460 -22.50 6.23 2.00
N GLN A 461 -22.07 6.67 3.19
CA GLN A 461 -20.66 6.93 3.46
C GLN A 461 -19.82 5.66 3.39
N ILE A 462 -20.39 4.55 3.85
CA ILE A 462 -19.73 3.25 3.82
C ILE A 462 -19.50 2.79 2.38
N ILE A 463 -20.52 2.92 1.55
CA ILE A 463 -20.46 2.47 0.16
C ILE A 463 -19.49 3.31 -0.68
N GLU A 464 -19.45 4.62 -0.41
CA GLU A 464 -18.49 5.50 -1.08
C GLU A 464 -17.05 5.05 -0.81
N ARG A 465 -16.80 4.58 0.40
CA ARG A 465 -15.45 4.20 0.81
C ARG A 465 -15.01 2.82 0.33
N LEU A 466 -15.96 1.88 0.21
CA LEU A 466 -15.66 0.50 -0.18
C LEU A 466 -15.79 0.21 -1.67
N HIS A 467 -16.55 1.05 -2.38
CA HIS A 467 -16.84 0.81 -3.79
C HIS A 467 -16.57 2.03 -4.68
N GLY A 468 -16.53 3.21 -4.07
CA GLY A 468 -16.43 4.45 -4.84
C GLY A 468 -17.82 4.93 -5.25
N LEU A 469 -17.92 6.21 -5.60
CA LEU A 469 -19.20 6.84 -5.97
C LEU A 469 -19.97 6.15 -7.09
N SER A 470 -19.24 5.55 -8.05
CA SER A 470 -19.85 4.92 -9.21
C SER A 470 -20.92 3.90 -8.83
N ALA A 471 -20.80 3.34 -7.62
CA ALA A 471 -21.76 2.35 -7.11
C ALA A 471 -23.19 2.90 -7.06
N PHE A 472 -23.34 4.21 -6.88
CA PHE A 472 -24.68 4.81 -6.87
C PHE A 472 -25.22 5.10 -8.26
N SER A 473 -24.36 4.99 -9.28
CA SER A 473 -24.73 5.32 -10.65
C SER A 473 -24.87 4.10 -11.57
N LEU A 474 -24.32 2.96 -11.14
CA LEU A 474 -24.17 1.80 -12.02
C LEU A 474 -25.44 1.45 -12.79
N HIS A 475 -25.26 1.20 -14.07
CA HIS A 475 -26.35 0.83 -14.98
C HIS A 475 -25.83 -0.03 -16.12
N SER A 476 -26.74 -0.49 -16.98
CA SER A 476 -26.42 -1.37 -18.10
C SER A 476 -25.62 -2.58 -17.61
N TYR A 477 -26.26 -3.39 -16.79
CA TYR A 477 -25.69 -4.62 -16.28
C TYR A 477 -25.64 -5.66 -17.38
N SER A 478 -24.74 -6.63 -17.25
CA SER A 478 -24.53 -7.64 -18.29
C SER A 478 -25.77 -8.54 -18.44
N PRO A 479 -26.04 -9.00 -19.68
CA PRO A 479 -27.09 -9.99 -19.94
C PRO A 479 -27.00 -11.21 -19.04
N GLY A 480 -25.78 -11.68 -18.74
CA GLY A 480 -25.56 -12.85 -17.89
C GLY A 480 -25.92 -12.65 -16.43
N GLU A 481 -25.62 -11.47 -15.90
CA GLU A 481 -26.02 -11.08 -14.54
C GLU A 481 -27.54 -10.94 -14.45
N ILE A 482 -28.11 -10.20 -15.41
CA ILE A 482 -29.55 -9.98 -15.48
C ILE A 482 -30.34 -11.31 -15.52
N ASN A 483 -29.85 -12.26 -16.32
CA ASN A 483 -30.48 -13.57 -16.42
C ASN A 483 -30.47 -14.34 -15.09
N ARG A 484 -29.38 -14.23 -14.34
CA ARG A 484 -29.26 -14.93 -13.06
C ARG A 484 -30.16 -14.30 -11.99
N VAL A 485 -30.17 -12.97 -11.93
CA VAL A 485 -31.04 -12.23 -11.02
C VAL A 485 -32.51 -12.53 -11.31
N ALA A 486 -32.91 -12.45 -12.58
CA ALA A 486 -34.29 -12.73 -12.99
C ALA A 486 -34.73 -14.18 -12.73
N SER A 487 -33.84 -15.12 -13.03
CA SER A 487 -34.10 -16.55 -12.80
C SER A 487 -34.31 -16.87 -11.32
N CYS A 488 -33.62 -16.14 -10.45
CA CYS A 488 -33.76 -16.27 -8.99
C CYS A 488 -35.14 -15.82 -8.51
N LEU A 489 -35.62 -14.68 -9.02
CA LEU A 489 -36.92 -14.13 -8.63
C LEU A 489 -38.11 -15.01 -9.07
N ARG A 490 -38.02 -15.58 -10.27
CA ARG A 490 -39.02 -16.54 -10.76
C ARG A 490 -39.09 -17.77 -9.85
N LYS A 491 -37.93 -18.31 -9.51
CA LYS A 491 -37.81 -19.45 -8.61
C LYS A 491 -38.39 -19.17 -7.22
N LEU A 492 -38.04 -18.01 -6.66
CA LEU A 492 -38.44 -17.64 -5.30
C LEU A 492 -39.81 -16.97 -5.17
N GLY A 493 -40.37 -16.50 -6.28
CA GLY A 493 -41.61 -15.73 -6.24
C GLY A 493 -41.40 -14.35 -5.66
N VAL A 494 -40.26 -13.75 -6.00
CA VAL A 494 -39.94 -12.38 -5.64
C VAL A 494 -40.56 -11.50 -6.73
N PRO A 495 -41.26 -10.41 -6.34
CA PRO A 495 -41.83 -9.51 -7.35
C PRO A 495 -40.79 -9.05 -8.36
N PRO A 496 -41.20 -8.85 -9.63
CA PRO A 496 -40.32 -8.34 -10.68
C PRO A 496 -39.69 -6.98 -10.35
N LEU A 497 -38.60 -6.66 -11.03
CA LEU A 497 -37.79 -5.49 -10.70
C LEU A 497 -38.43 -4.15 -11.09
N ARG A 498 -39.49 -4.20 -11.88
CA ARG A 498 -40.28 -3.00 -12.16
C ARG A 498 -41.17 -2.61 -10.97
N VAL A 499 -41.59 -3.63 -10.20
CA VAL A 499 -42.35 -3.43 -8.97
C VAL A 499 -41.45 -2.82 -7.89
N TRP A 500 -40.21 -3.28 -7.84
CA TRP A 500 -39.22 -2.80 -6.88
C TRP A 500 -38.84 -1.34 -7.13
N ARG A 501 -38.77 -0.97 -8.41
CA ARG A 501 -38.50 0.41 -8.82
C ARG A 501 -39.59 1.35 -8.33
N HIS A 502 -40.85 0.92 -8.50
CA HIS A 502 -42.03 1.65 -8.05
C HIS A 502 -41.99 1.88 -6.55
N ARG A 503 -41.71 0.81 -5.81
CA ARG A 503 -41.58 0.86 -4.36
C ARG A 503 -40.43 1.76 -3.93
N ALA A 504 -39.34 1.73 -4.69
CA ALA A 504 -38.16 2.53 -4.40
C ALA A 504 -38.46 4.02 -4.52
N ARG A 505 -39.28 4.40 -5.50
CA ARG A 505 -39.72 5.79 -5.65
C ARG A 505 -40.35 6.30 -4.36
N SER A 506 -41.20 5.48 -3.75
CA SER A 506 -41.83 5.80 -2.48
C SER A 506 -40.80 5.96 -1.38
N VAL A 507 -40.02 4.89 -1.14
CA VAL A 507 -38.99 4.88 -0.11
C VAL A 507 -38.07 6.11 -0.23
N ARG A 508 -37.64 6.42 -1.45
CA ARG A 508 -36.79 7.58 -1.69
C ARG A 508 -37.46 8.88 -1.23
N ALA A 509 -38.65 9.15 -1.76
CA ALA A 509 -39.40 10.36 -1.43
C ALA A 509 -39.60 10.49 0.09
N ARG A 510 -39.95 9.37 0.72
CA ARG A 510 -40.19 9.32 2.17
C ARG A 510 -38.93 9.68 2.96
N LEU A 511 -37.78 9.22 2.47
CA LEU A 511 -36.48 9.54 3.06
C LEU A 511 -36.13 11.02 2.85
N LEU A 512 -36.29 11.50 1.61
CA LEU A 512 -36.02 12.90 1.27
C LEU A 512 -36.84 13.88 2.11
N SER A 513 -38.13 13.56 2.26
CA SER A 513 -39.07 14.38 3.05
C SER A 513 -38.66 14.54 4.50
N GLN A 514 -37.80 13.64 4.98
CA GLN A 514 -37.35 13.65 6.37
C GLN A 514 -36.08 14.47 6.58
N GLY A 515 -35.38 14.79 5.50
CA GLY A 515 -34.17 15.62 5.57
C GLY A 515 -32.98 14.94 6.25
N GLY A 516 -31.98 15.75 6.59
CA GLY A 516 -30.79 15.26 7.31
C GLY A 516 -30.13 14.07 6.65
N ARG A 517 -29.63 13.15 7.47
CA ARG A 517 -28.94 11.95 6.98
C ARG A 517 -29.88 10.99 6.21
N ALA A 518 -31.19 11.11 6.48
CA ALA A 518 -32.19 10.30 5.78
C ALA A 518 -32.32 10.71 4.32
N ALA A 519 -32.40 12.02 4.07
CA ALA A 519 -32.42 12.53 2.70
C ALA A 519 -31.14 12.14 1.95
N THR A 520 -30.01 12.12 2.66
CA THR A 520 -28.73 11.67 2.11
C THR A 520 -28.85 10.22 1.63
N CYS A 521 -29.47 9.37 2.43
CA CYS A 521 -29.75 7.97 2.05
C CYS A 521 -30.61 7.92 0.79
N GLY A 522 -31.67 8.72 0.77
CA GLY A 522 -32.57 8.77 -0.39
C GLY A 522 -31.87 9.25 -1.64
N LYS A 523 -31.03 10.27 -1.48
CA LYS A 523 -30.30 10.87 -2.60
C LYS A 523 -29.39 9.85 -3.27
N TYR A 524 -28.49 9.26 -2.48
CA TYR A 524 -27.45 8.37 -3.00
C TYR A 524 -27.91 6.94 -3.27
N LEU A 525 -28.58 6.31 -2.31
CA LEU A 525 -28.96 4.90 -2.43
C LEU A 525 -30.09 4.64 -3.42
N PHE A 526 -30.88 5.67 -3.73
CA PHE A 526 -32.05 5.46 -4.57
C PHE A 526 -32.15 6.38 -5.79
N ASN A 527 -31.03 6.98 -6.17
CA ASN A 527 -30.96 7.84 -7.35
C ASN A 527 -31.27 7.07 -8.64
N TRP A 528 -31.03 5.76 -8.61
CA TRP A 528 -31.33 4.87 -9.73
C TRP A 528 -32.82 4.85 -10.11
N ALA A 529 -33.68 4.98 -9.11
CA ALA A 529 -35.13 4.76 -9.29
C ALA A 529 -35.83 5.82 -10.11
N VAL A 530 -35.22 6.99 -10.23
CA VAL A 530 -35.84 8.13 -10.92
C VAL A 530 -35.20 8.47 -12.28
N LYS A 531 -36.04 8.88 -13.23
CA LYS A 531 -35.60 9.31 -14.57
C LYS A 531 -34.87 10.65 -14.51
N THR A 532 -35.44 11.60 -13.76
CA THR A 532 -34.83 12.92 -13.54
C THR A 532 -33.71 12.84 -12.48
N LYS A 533 -32.52 12.45 -12.95
CA LYS A 533 -31.39 12.14 -12.08
C LYS A 533 -30.80 13.37 -11.37
N LEU A 534 -30.51 13.22 -10.08
CA LEU A 534 -29.82 14.24 -9.29
C LEU A 534 -28.32 13.95 -9.22
N LYS A 535 -27.49 14.99 -9.24
CA LYS A 535 -26.04 14.81 -9.29
C LYS A 535 -25.41 14.36 -7.97
N LEU A 536 -24.54 13.37 -8.06
CA LEU A 536 -23.95 12.72 -6.90
C LEU A 536 -22.48 13.10 -6.74
N THR A 537 -22.24 14.11 -5.91
CA THR A 537 -20.90 14.56 -5.56
C THR A 537 -20.40 13.80 -4.34
N PRO A 538 -19.12 13.95 -3.98
CA PRO A 538 -18.63 13.36 -2.72
C PRO A 538 -19.45 13.79 -1.51
N ILE A 539 -19.60 12.89 -0.54
CA ILE A 539 -20.43 13.14 0.65
C ILE A 539 -19.65 13.97 1.71
N PRO A 540 -20.24 15.11 2.14
CA PRO A 540 -19.67 16.07 3.10
C PRO A 540 -18.95 15.46 4.31
N ALA A 541 -19.60 14.53 5.01
CA ALA A 541 -19.00 13.90 6.19
C ALA A 541 -18.80 12.40 6.03
N ALA A 542 -18.30 12.00 4.85
CA ALA A 542 -18.03 10.59 4.55
C ALA A 542 -16.67 10.15 5.08
N SER A 543 -15.69 11.05 4.98
CA SER A 543 -14.31 10.76 5.39
C SER A 543 -14.11 10.86 6.92
N GLN A 544 -15.21 11.05 7.64
CA GLN A 544 -15.22 11.07 9.10
C GLN A 544 -15.24 9.67 9.71
N LEU A 545 -15.96 8.76 9.07
CA LEU A 545 -16.11 7.39 9.56
C LEU A 545 -14.79 6.64 9.70
N ASP A 546 -14.60 6.06 10.88
CA ASP A 546 -13.40 5.29 11.19
C ASP A 546 -13.54 3.88 10.61
N LEU A 547 -12.90 3.66 9.46
CA LEU A 547 -12.98 2.37 8.79
C LEU A 547 -11.68 1.57 8.94
N SER A 548 -10.97 1.83 10.03
CA SER A 548 -9.81 1.01 10.41
C SER A 548 -10.32 -0.30 11.03
N GLY A 549 -9.52 -1.34 10.93
CA GLY A 549 -9.91 -2.66 11.43
C GLY A 549 -10.84 -3.41 10.49
N TRP A 550 -11.52 -2.68 9.61
CA TRP A 550 -12.49 -3.24 8.68
C TRP A 550 -11.92 -4.29 7.73
N PHE A 551 -10.77 -3.99 7.12
CA PHE A 551 -10.17 -4.89 6.17
C PHE A 551 -8.70 -5.16 6.46
N VAL A 552 -8.46 -5.74 7.62
CA VAL A 552 -7.12 -6.12 8.05
C VAL A 552 -7.01 -7.65 8.00
N ALA A 553 -7.91 -8.34 8.70
CA ALA A 553 -7.87 -9.79 8.80
C ALA A 553 -9.26 -10.42 8.82
N GLY A 554 -9.28 -11.75 8.61
CA GLY A 554 -10.48 -12.55 8.78
C GLY A 554 -10.57 -13.09 10.18
N TYR A 555 -11.79 -13.35 10.65
CA TYR A 555 -12.02 -13.78 12.04
C TYR A 555 -13.21 -14.74 12.18
N SER A 556 -13.50 -15.49 11.12
CA SER A 556 -14.61 -16.45 11.13
C SER A 556 -14.56 -17.36 12.36
N GLY A 557 -15.63 -17.33 13.15
CA GLY A 557 -15.76 -18.16 14.35
C GLY A 557 -14.80 -17.77 15.46
N GLY A 558 -14.12 -16.66 15.27
CA GLY A 558 -13.13 -16.19 16.22
C GLY A 558 -13.68 -15.28 17.31
N ASP A 559 -15.01 -15.14 17.36
CA ASP A 559 -15.68 -14.43 18.45
C ASP A 559 -15.10 -13.01 18.62
N ILE A 560 -15.22 -12.18 17.59
CA ILE A 560 -14.61 -10.83 17.56
C ILE A 560 -15.64 -9.73 17.25
N TYR A 561 -15.46 -8.59 17.90
CA TYR A 561 -16.37 -7.46 17.81
C TYR A 561 -15.60 -6.14 17.81
N HIS A 562 -15.79 -5.33 16.77
CA HIS A 562 -15.05 -4.07 16.63
C HIS A 562 -15.90 -2.83 16.92
N SER B 1 1.04 38.69 -7.81
CA SER B 1 -0.19 37.86 -7.70
C SER B 1 0.01 36.70 -6.71
N MET B 2 -1.09 36.12 -6.25
CA MET B 2 -1.06 35.03 -5.27
C MET B 2 -0.63 33.71 -5.90
N SER B 3 0.29 33.03 -5.24
CA SER B 3 0.79 31.73 -5.69
C SER B 3 -0.32 30.68 -5.67
N TYR B 4 -1.24 30.84 -4.71
CA TYR B 4 -2.37 29.93 -4.58
C TYR B 4 -3.63 30.68 -4.14
N THR B 5 -4.76 30.27 -4.69
CA THR B 5 -6.05 30.68 -4.17
C THR B 5 -6.78 29.41 -3.74
N TRP B 6 -7.37 29.44 -2.55
CA TRP B 6 -8.05 28.27 -2.01
C TRP B 6 -9.54 28.53 -1.90
N THR B 7 -10.33 27.55 -2.32
CA THR B 7 -11.78 27.61 -2.20
C THR B 7 -12.19 27.38 -0.74
N GLY B 8 -11.54 26.40 -0.11
CA GLY B 8 -11.86 26.02 1.26
C GLY B 8 -12.07 24.52 1.44
N ALA B 9 -11.98 23.77 0.34
CA ALA B 9 -12.08 22.31 0.39
C ALA B 9 -10.75 21.69 0.80
N LEU B 10 -10.82 20.62 1.59
CA LEU B 10 -9.64 19.97 2.17
C LEU B 10 -8.84 19.14 1.17
N ILE B 11 -7.54 19.07 1.40
CA ILE B 11 -6.68 18.16 0.65
C ILE B 11 -6.82 16.78 1.30
N THR B 12 -7.15 15.78 0.49
CA THR B 12 -7.53 14.46 1.01
C THR B 12 -6.56 13.35 0.61
N PRO B 13 -6.44 12.31 1.45
CA PRO B 13 -5.63 11.13 1.13
C PRO B 13 -6.41 10.04 0.40
N CYS B 14 -5.69 9.15 -0.30
CA CYS B 14 -6.31 8.00 -0.98
C CYS B 14 -6.55 6.83 -0.03
N ALA B 15 -5.48 6.37 0.61
CA ALA B 15 -5.58 5.38 1.67
C ALA B 15 -5.40 6.06 3.03
N ALA B 16 -5.36 5.26 4.09
CA ALA B 16 -5.02 5.78 5.41
C ALA B 16 -3.54 6.12 5.44
N GLU B 17 -3.19 7.12 6.25
CA GLU B 17 -1.82 7.57 6.40
C GLU B 17 -1.34 7.28 7.82
N GLU B 18 -0.23 6.56 7.93
CA GLU B 18 0.38 6.28 9.23
C GLU B 18 1.35 7.41 9.55
N SER B 19 1.21 7.98 10.75
CA SER B 19 2.14 9.01 11.21
C SER B 19 3.14 8.38 12.17
N LYS B 20 2.70 7.36 12.90
CA LYS B 20 3.55 6.66 13.86
C LYS B 20 4.39 5.59 13.16
N LEU B 21 5.69 5.60 13.45
CA LEU B 21 6.61 4.60 12.92
C LEU B 21 6.14 3.17 13.18
N PRO B 22 5.89 2.41 12.10
CA PRO B 22 5.52 1.00 12.20
C PRO B 22 6.65 0.17 12.81
N ILE B 23 6.30 -0.75 13.70
CA ILE B 23 7.28 -1.48 14.49
C ILE B 23 7.16 -2.98 14.26
N ASN B 24 8.25 -3.60 13.83
CA ASN B 24 8.33 -5.05 13.70
C ASN B 24 9.53 -5.63 14.45
N ALA B 25 9.78 -6.93 14.30
CA ALA B 25 10.86 -7.64 15.04
C ALA B 25 12.27 -7.14 14.70
N LEU B 26 12.39 -6.37 13.64
CA LEU B 26 13.69 -5.94 13.14
C LEU B 26 14.06 -4.53 13.57
N SER B 27 13.06 -3.79 14.06
CA SER B 27 13.19 -2.37 14.36
C SER B 27 14.21 -2.05 15.44
N ASN B 28 14.12 -2.72 16.59
CA ASN B 28 15.00 -2.44 17.74
C ASN B 28 16.50 -2.63 17.48
N SER B 29 16.85 -3.52 16.57
CA SER B 29 18.25 -3.72 16.18
C SER B 29 18.81 -2.48 15.48
N LEU B 30 17.92 -1.68 14.92
CA LEU B 30 18.30 -0.46 14.19
C LEU B 30 18.13 0.84 14.99
N LEU B 31 17.05 0.94 15.76
CA LEU B 31 16.66 2.21 16.38
C LEU B 31 15.72 1.99 17.57
N ARG B 32 16.08 2.58 18.71
CA ARG B 32 15.33 2.40 19.96
C ARG B 32 14.23 3.45 20.17
N HIS B 33 14.58 4.73 20.00
CA HIS B 33 13.63 5.82 20.28
C HIS B 33 12.64 5.99 19.13
N HIS B 34 11.57 5.21 19.17
CA HIS B 34 10.57 5.17 18.10
C HIS B 34 9.72 6.43 18.04
N ASN B 35 9.52 7.08 19.19
CA ASN B 35 8.76 8.32 19.25
C ASN B 35 9.41 9.51 18.52
N MET B 36 10.67 9.36 18.13
CA MET B 36 11.42 10.42 17.43
C MET B 36 11.15 10.43 15.92
N VAL B 37 10.69 9.30 15.39
CA VAL B 37 10.43 9.14 13.95
C VAL B 37 8.93 9.28 13.67
N TYR B 38 8.59 9.98 12.59
CA TYR B 38 7.20 10.20 12.19
C TYR B 38 7.09 10.43 10.68
N ALA B 39 5.89 10.26 10.14
CA ALA B 39 5.61 10.59 8.74
C ALA B 39 4.52 11.65 8.63
N THR B 40 4.74 12.61 7.73
CA THR B 40 3.79 13.68 7.48
C THR B 40 2.53 13.13 6.79
N THR B 41 1.37 13.68 7.16
CA THR B 41 0.10 13.25 6.60
C THR B 41 -0.70 14.45 6.11
N SER B 42 -1.80 14.20 5.39
CA SER B 42 -2.66 15.25 4.87
C SER B 42 -3.38 16.05 5.98
N ARG B 43 -3.38 15.51 7.19
CA ARG B 43 -3.94 16.18 8.36
C ARG B 43 -3.23 17.51 8.65
N SER B 44 -2.00 17.65 8.16
CA SER B 44 -1.22 18.88 8.33
C SER B 44 -1.12 19.70 7.03
N ALA B 45 -1.93 19.34 6.04
CA ALA B 45 -1.95 20.04 4.74
C ALA B 45 -2.36 21.50 4.89
N GLY B 46 -3.28 21.77 5.81
CA GLY B 46 -3.72 23.12 6.12
C GLY B 46 -2.61 24.07 6.49
N LEU B 47 -1.59 23.56 7.19
CA LEU B 47 -0.46 24.37 7.64
C LEU B 47 0.51 24.72 6.50
N ARG B 48 0.70 23.77 5.59
CA ARG B 48 1.58 23.96 4.43
C ARG B 48 0.98 25.00 3.46
N GLN B 49 -0.34 24.93 3.26
CA GLN B 49 -1.05 25.90 2.44
C GLN B 49 -0.76 27.34 2.87
N LYS B 50 -0.90 27.62 4.17
CA LYS B 50 -0.58 28.93 4.73
C LYS B 50 0.84 29.36 4.36
N LYS B 51 1.79 28.45 4.55
CA LYS B 51 3.21 28.70 4.25
C LYS B 51 3.46 29.09 2.79
N VAL B 52 2.90 28.31 1.86
CA VAL B 52 3.21 28.44 0.43
C VAL B 52 2.33 29.45 -0.31
N THR B 53 1.41 30.10 0.41
CA THR B 53 0.47 31.07 -0.19
C THR B 53 0.89 32.50 0.13
N PHE B 54 1.44 33.19 -0.88
CA PHE B 54 1.90 34.58 -0.73
C PHE B 54 1.97 35.32 -2.06
N ASP B 55 2.00 36.65 -1.98
CA ASP B 55 2.10 37.51 -3.16
C ASP B 55 3.54 37.56 -3.67
N ARG B 56 3.68 37.51 -4.99
CA ARG B 56 5.00 37.60 -5.62
C ARG B 56 5.14 38.91 -6.36
N LEU B 57 6.18 39.66 -6.00
CA LEU B 57 6.57 40.85 -6.76
C LEU B 57 7.84 40.51 -7.52
N GLN B 58 7.95 40.99 -8.75
CA GLN B 58 9.11 40.69 -9.58
C GLN B 58 9.63 41.91 -10.35
N VAL B 59 10.89 42.25 -10.12
CA VAL B 59 11.49 43.48 -10.63
C VAL B 59 12.75 43.13 -11.42
N LEU B 60 12.60 43.11 -12.74
CA LEU B 60 13.64 42.58 -13.64
C LEU B 60 14.48 43.69 -14.27
N ASP B 61 15.78 43.67 -13.96
CA ASP B 61 16.72 44.70 -14.42
C ASP B 61 17.54 44.21 -15.64
N ASP B 62 18.62 44.93 -15.93
CA ASP B 62 19.44 44.62 -17.10
C ASP B 62 20.27 43.34 -16.98
N HIS B 63 20.81 43.08 -15.79
CA HIS B 63 21.56 41.84 -15.54
C HIS B 63 20.72 40.59 -15.86
N TYR B 64 19.44 40.64 -15.49
CA TYR B 64 18.49 39.56 -15.77
C TYR B 64 18.34 39.30 -17.28
N ARG B 65 18.15 40.35 -18.06
CA ARG B 65 17.91 40.20 -19.48
C ARG B 65 19.19 39.80 -20.25
N ASP B 66 20.34 40.27 -19.77
CA ASP B 66 21.63 39.92 -20.36
C ASP B 66 21.94 38.44 -20.20
N VAL B 67 21.72 37.90 -18.99
CA VAL B 67 21.97 36.48 -18.71
C VAL B 67 21.01 35.64 -19.55
N LEU B 68 19.73 36.02 -19.54
CA LEU B 68 18.70 35.36 -20.36
C LEU B 68 19.05 35.32 -21.86
N LYS B 69 19.59 36.43 -22.38
CA LYS B 69 19.99 36.50 -23.78
C LYS B 69 21.08 35.47 -24.07
N GLU B 70 22.08 35.40 -23.19
CA GLU B 70 23.16 34.41 -23.31
C GLU B 70 22.62 33.00 -23.29
N MET B 71 21.74 32.72 -22.33
CA MET B 71 21.11 31.41 -22.19
C MET B 71 20.38 31.01 -23.47
N LYS B 72 19.63 31.96 -24.03
CA LYS B 72 18.86 31.74 -25.26
C LYS B 72 19.77 31.38 -26.43
N ALA B 73 20.91 32.08 -26.53
CA ALA B 73 21.87 31.87 -27.60
C ALA B 73 22.38 30.42 -27.62
N LYS B 74 22.74 29.90 -26.46
CA LYS B 74 23.18 28.51 -26.33
C LYS B 74 22.00 27.55 -26.53
N ALA B 75 20.85 27.86 -25.95
CA ALA B 75 19.65 27.02 -26.09
C ALA B 75 19.30 26.80 -27.56
N SER B 76 19.56 27.81 -28.39
CA SER B 76 19.22 27.74 -29.80
C SER B 76 20.23 26.93 -30.64
N THR B 77 21.22 26.35 -29.97
CA THR B 77 22.12 25.38 -30.60
C THR B 77 21.60 23.95 -30.42
N VAL B 78 20.61 23.78 -29.55
CA VAL B 78 20.04 22.47 -29.23
C VAL B 78 19.04 22.02 -30.29
N LYS B 79 19.15 20.76 -30.70
CA LYS B 79 18.15 20.10 -31.53
C LYS B 79 17.51 18.96 -30.72
N ALA B 80 16.20 19.05 -30.53
CA ALA B 80 15.46 18.06 -29.76
C ALA B 80 14.42 17.37 -30.63
N LYS B 81 14.14 16.11 -30.31
CA LYS B 81 13.22 15.30 -31.10
C LYS B 81 11.93 14.98 -30.34
N LEU B 82 10.90 14.63 -31.10
CA LEU B 82 9.68 14.09 -30.51
C LEU B 82 9.90 12.63 -30.18
N LEU B 83 9.53 12.26 -28.96
CA LEU B 83 9.41 10.87 -28.59
C LEU B 83 8.09 10.33 -29.13
N SER B 84 8.13 9.14 -29.73
CA SER B 84 6.91 8.47 -30.18
C SER B 84 6.15 8.01 -28.95
N VAL B 85 4.84 7.80 -29.13
CA VAL B 85 4.00 7.29 -28.05
C VAL B 85 4.68 6.12 -27.35
N GLU B 86 5.17 5.17 -28.16
CA GLU B 86 5.77 3.93 -27.66
C GLU B 86 6.95 4.21 -26.72
N GLU B 87 7.92 4.99 -27.17
CA GLU B 87 9.10 5.34 -26.39
C GLU B 87 8.72 6.01 -25.06
N ALA B 88 7.80 6.97 -25.13
CA ALA B 88 7.34 7.70 -23.95
C ALA B 88 6.70 6.76 -22.93
N CYS B 89 5.95 5.78 -23.44
CA CYS B 89 5.30 4.79 -22.59
C CYS B 89 6.31 3.97 -21.81
N LYS B 90 7.43 3.62 -22.46
CA LYS B 90 8.49 2.84 -21.82
C LYS B 90 9.15 3.61 -20.66
N LEU B 91 8.98 4.93 -20.66
CA LEU B 91 9.54 5.80 -19.63
C LEU B 91 8.64 5.98 -18.39
N THR B 92 7.42 5.46 -18.46
CA THR B 92 6.46 5.53 -17.35
C THR B 92 6.78 4.51 -16.25
N PRO B 93 6.91 4.96 -14.99
CA PRO B 93 7.06 4.06 -13.84
C PRO B 93 5.92 3.07 -13.73
N PRO B 94 6.22 1.79 -13.40
CA PRO B 94 5.21 0.74 -13.34
C PRO B 94 4.20 1.03 -12.24
N HIS B 95 4.66 1.69 -11.19
CA HIS B 95 3.82 2.01 -10.03
C HIS B 95 3.35 3.47 -10.06
N SER B 96 3.34 4.05 -11.25
CA SER B 96 2.84 5.41 -11.47
C SER B 96 1.32 5.48 -11.32
N ALA B 97 0.85 6.64 -10.86
CA ALA B 97 -0.59 6.87 -10.60
C ALA B 97 -1.48 6.62 -11.81
N LYS B 98 -2.54 5.83 -11.59
CA LYS B 98 -3.48 5.44 -12.63
C LYS B 98 -4.23 6.63 -13.23
N SER B 99 -4.76 6.44 -14.43
CA SER B 99 -5.55 7.47 -15.09
C SER B 99 -7.00 7.49 -14.58
N LYS B 100 -7.68 8.61 -14.77
CA LYS B 100 -9.09 8.74 -14.43
C LYS B 100 -9.97 8.22 -15.57
N PHE B 101 -9.32 7.77 -16.64
CA PHE B 101 -10.02 7.33 -17.85
C PHE B 101 -9.91 5.80 -18.10
N GLY B 102 -9.84 5.05 -17.01
CA GLY B 102 -9.95 3.59 -17.05
C GLY B 102 -8.77 2.82 -17.60
N TYR B 103 -7.56 3.33 -17.34
CA TYR B 103 -6.32 2.62 -17.67
C TYR B 103 -5.21 2.99 -16.71
N GLY B 104 -4.36 2.01 -16.40
CA GLY B 104 -3.29 2.20 -15.41
C GLY B 104 -1.91 2.30 -16.02
N ALA B 105 -0.90 2.31 -15.16
CA ALA B 105 0.49 2.36 -15.60
C ALA B 105 0.89 1.10 -16.34
N LYS B 106 0.37 -0.04 -15.89
CA LYS B 106 0.65 -1.33 -16.53
C LYS B 106 0.14 -1.36 -17.98
N ASP B 107 -1.06 -0.84 -18.19
CA ASP B 107 -1.66 -0.74 -19.52
C ASP B 107 -0.81 0.14 -20.43
N VAL B 108 -0.32 1.25 -19.88
CA VAL B 108 0.54 2.18 -20.63
C VAL B 108 1.82 1.49 -21.09
N ARG B 109 2.50 0.82 -20.16
CA ARG B 109 3.73 0.08 -20.45
C ARG B 109 3.49 -1.03 -21.49
N ASN B 110 2.39 -1.76 -21.32
CA ASN B 110 2.02 -2.84 -22.24
C ASN B 110 1.65 -2.36 -23.65
N LEU B 111 1.38 -1.07 -23.78
CA LEU B 111 0.96 -0.44 -25.04
C LEU B 111 -0.43 -0.90 -25.48
N SER B 112 -1.33 -1.12 -24.51
CA SER B 112 -2.69 -1.56 -24.82
C SER B 112 -3.46 -0.46 -25.55
N SER B 113 -4.48 -0.86 -26.31
CA SER B 113 -5.20 0.07 -27.18
C SER B 113 -5.99 1.15 -26.42
N LYS B 114 -6.56 0.83 -25.26
CA LYS B 114 -7.32 1.82 -24.49
C LYS B 114 -6.42 2.96 -24.02
N ALA B 115 -5.21 2.60 -23.57
CA ALA B 115 -4.20 3.56 -23.12
C ALA B 115 -3.56 4.31 -24.28
N VAL B 116 -3.15 3.58 -25.33
CA VAL B 116 -2.50 4.16 -26.50
C VAL B 116 -3.46 5.06 -27.29
N ASN B 117 -4.74 4.73 -27.31
CA ASN B 117 -5.73 5.57 -28.00
C ASN B 117 -6.07 6.87 -27.28
N HIS B 118 -6.21 6.81 -25.97
CA HIS B 118 -6.51 8.00 -25.17
C HIS B 118 -5.36 8.99 -25.19
N ILE B 119 -4.13 8.48 -25.15
CA ILE B 119 -2.92 9.32 -25.22
C ILE B 119 -2.88 10.11 -26.52
N HIS B 120 -3.34 9.50 -27.62
CA HIS B 120 -3.38 10.17 -28.92
C HIS B 120 -4.40 11.31 -28.95
N SER B 121 -5.52 11.13 -28.26
CA SER B 121 -6.57 12.16 -28.22
C SER B 121 -6.17 13.33 -27.31
N VAL B 122 -5.34 13.05 -26.31
CA VAL B 122 -4.78 14.08 -25.44
C VAL B 122 -3.72 14.90 -26.19
N TRP B 123 -2.90 14.22 -26.99
CA TRP B 123 -1.92 14.87 -27.86
C TRP B 123 -2.60 15.71 -28.96
N LYS B 124 -3.66 15.17 -29.54
CA LYS B 124 -4.45 15.86 -30.56
C LYS B 124 -5.12 17.09 -29.96
N ASP B 125 -5.67 16.92 -28.76
CA ASP B 125 -6.25 18.02 -27.98
C ASP B 125 -5.24 19.14 -27.74
N LEU B 126 -4.01 18.76 -27.38
CA LEU B 126 -2.96 19.75 -27.08
C LEU B 126 -2.61 20.62 -28.29
N LEU B 127 -2.61 20.01 -29.48
CA LEU B 127 -2.30 20.76 -30.70
C LEU B 127 -3.41 21.75 -31.07
N GLU B 128 -4.66 21.35 -30.87
CA GLU B 128 -5.82 22.16 -31.24
C GLU B 128 -6.08 23.30 -30.27
N ASP B 129 -5.87 23.03 -28.99
CA ASP B 129 -6.28 23.92 -27.91
C ASP B 129 -5.08 24.41 -27.12
N THR B 130 -4.92 25.73 -27.05
CA THR B 130 -3.77 26.34 -26.37
C THR B 130 -4.18 27.24 -25.19
N VAL B 131 -5.42 27.09 -24.72
CA VAL B 131 -5.95 27.96 -23.66
C VAL B 131 -6.61 27.26 -22.47
N THR B 132 -7.29 26.15 -22.72
CA THR B 132 -8.06 25.47 -21.67
C THR B 132 -7.15 24.87 -20.59
N PRO B 133 -7.15 25.46 -19.38
CA PRO B 133 -6.35 24.94 -18.27
C PRO B 133 -6.60 23.45 -18.05
N ILE B 134 -5.54 22.73 -17.73
CA ILE B 134 -5.60 21.27 -17.58
C ILE B 134 -5.74 20.89 -16.11
N ASP B 135 -6.63 19.93 -15.84
CA ASP B 135 -6.90 19.48 -14.48
C ASP B 135 -5.66 18.87 -13.85
N THR B 136 -5.38 19.29 -12.61
CA THR B 136 -4.32 18.68 -11.83
C THR B 136 -4.90 18.14 -10.53
N THR B 137 -4.21 17.18 -9.92
CA THR B 137 -4.57 16.68 -8.60
C THR B 137 -3.57 17.20 -7.57
N ILE B 138 -4.10 17.70 -6.45
CA ILE B 138 -3.25 18.12 -5.34
C ILE B 138 -3.30 17.12 -4.18
N MET B 139 -2.12 16.59 -3.85
CA MET B 139 -1.98 15.60 -2.77
C MET B 139 -0.97 16.08 -1.74
N ALA B 140 -1.14 15.64 -0.50
CA ALA B 140 -0.13 15.86 0.54
C ALA B 140 0.78 14.64 0.63
N LYS B 141 2.09 14.86 0.52
CA LYS B 141 3.06 13.76 0.50
C LYS B 141 3.38 13.17 1.87
N ASN B 142 3.52 11.85 1.92
CA ASN B 142 3.91 11.16 3.13
C ASN B 142 5.42 10.97 3.18
N GLU B 143 6.10 11.84 3.92
CA GLU B 143 7.55 11.78 4.04
C GLU B 143 8.00 11.61 5.49
N VAL B 144 9.00 10.77 5.69
CA VAL B 144 9.47 10.40 7.02
C VAL B 144 10.64 11.31 7.47
N PHE B 145 10.49 11.90 8.65
CA PHE B 145 11.51 12.76 9.25
C PHE B 145 11.77 12.41 10.72
N CYS B 146 12.69 13.14 11.33
CA CYS B 146 12.95 13.09 12.76
C CYS B 146 12.61 14.44 13.38
N VAL B 147 12.01 14.44 14.57
CA VAL B 147 11.66 15.67 15.28
C VAL B 147 12.92 16.49 15.62
N GLN B 148 12.80 17.82 15.61
CA GLN B 148 13.99 18.69 15.76
C GLN B 148 13.81 19.87 16.73
N ARG B 154 8.29 19.27 14.14
CA ARG B 154 7.42 18.57 13.20
C ARG B 154 7.13 19.41 11.96
N LYS B 155 7.46 18.85 10.79
CA LYS B 155 7.23 19.51 9.51
C LYS B 155 5.85 19.17 8.96
N PRO B 156 5.12 20.17 8.40
CA PRO B 156 3.87 19.90 7.68
C PRO B 156 4.16 19.20 6.35
N ALA B 157 3.22 18.37 5.91
CA ALA B 157 3.36 17.64 4.65
C ALA B 157 3.54 18.56 3.46
N ARG B 158 4.49 18.20 2.59
CA ARG B 158 4.64 18.91 1.32
C ARG B 158 3.51 18.54 0.35
N LEU B 159 3.14 19.50 -0.49
CA LEU B 159 2.11 19.29 -1.50
C LEU B 159 2.71 18.81 -2.81
N ILE B 160 2.06 17.82 -3.44
CA ILE B 160 2.41 17.40 -4.79
C ILE B 160 1.23 17.67 -5.75
N VAL B 161 1.53 18.39 -6.83
CA VAL B 161 0.55 18.78 -7.84
C VAL B 161 0.91 18.14 -9.18
N PHE B 162 -0.03 17.40 -9.77
CA PHE B 162 0.26 16.65 -11.01
C PHE B 162 -0.99 16.45 -11.88
N PRO B 163 -0.80 16.45 -13.22
CA PRO B 163 -1.88 16.17 -14.16
C PRO B 163 -2.10 14.67 -14.37
N ASP B 164 -3.20 14.31 -15.03
CA ASP B 164 -3.54 12.91 -15.27
C ASP B 164 -2.50 12.21 -16.14
N LEU B 165 -2.37 10.89 -15.92
CA LEU B 165 -1.38 10.03 -16.60
C LEU B 165 -1.27 10.21 -18.12
N GLY B 166 -2.40 10.45 -18.79
CA GLY B 166 -2.40 10.72 -20.22
C GLY B 166 -1.57 11.93 -20.58
N VAL B 167 -1.70 12.99 -19.78
CA VAL B 167 -0.93 14.22 -19.96
C VAL B 167 0.57 13.98 -19.72
N ARG B 168 0.89 13.30 -18.62
CA ARG B 168 2.28 12.99 -18.27
C ARG B 168 3.02 12.25 -19.39
N VAL B 169 2.31 11.35 -20.07
CA VAL B 169 2.87 10.66 -21.24
C VAL B 169 3.10 11.65 -22.39
N CYS B 170 2.19 12.60 -22.58
CA CYS B 170 2.38 13.65 -23.56
C CYS B 170 3.57 14.58 -23.21
N GLU B 171 3.70 14.93 -21.94
CA GLU B 171 4.85 15.71 -21.47
C GLU B 171 6.17 15.10 -21.92
N LYS B 172 6.27 13.77 -21.81
CA LYS B 172 7.44 13.03 -22.28
C LYS B 172 7.63 13.14 -23.80
N MET B 173 6.53 13.11 -24.55
CA MET B 173 6.63 13.17 -26.00
C MET B 173 7.27 14.47 -26.46
N ALA B 174 6.77 15.58 -25.92
CA ALA B 174 7.18 16.93 -26.29
C ALA B 174 8.49 17.43 -25.65
N LEU B 175 8.80 16.95 -24.45
CA LEU B 175 9.81 17.62 -23.65
C LEU B 175 10.92 16.76 -23.01
N TYR B 176 10.81 15.43 -23.09
CA TYR B 176 11.83 14.56 -22.50
C TYR B 176 13.23 14.79 -23.10
N ASP B 177 13.28 15.02 -24.41
CA ASP B 177 14.55 15.29 -25.07
C ASP B 177 15.10 16.65 -24.66
N VAL B 178 14.25 17.67 -24.64
CA VAL B 178 14.64 19.01 -24.23
C VAL B 178 15.25 19.00 -22.81
N VAL B 179 14.46 18.59 -21.82
CA VAL B 179 14.87 18.61 -20.41
C VAL B 179 16.06 17.70 -20.09
N SER B 180 16.31 16.72 -20.96
CA SER B 180 17.49 15.85 -20.85
C SER B 180 18.74 16.50 -21.44
N THR B 181 18.57 17.40 -22.40
CA THR B 181 19.69 17.88 -23.21
C THR B 181 20.02 19.35 -23.01
N LEU B 182 18.99 20.19 -22.96
CA LEU B 182 19.15 21.64 -22.93
C LEU B 182 19.91 22.18 -21.70
N PRO B 183 19.62 21.66 -20.49
CA PRO B 183 20.22 22.25 -19.30
C PRO B 183 21.76 22.26 -19.30
N GLN B 184 22.38 21.17 -19.75
CA GLN B 184 23.84 21.09 -19.82
C GLN B 184 24.40 22.02 -20.90
N VAL B 185 23.68 22.13 -22.01
CA VAL B 185 24.12 23.02 -23.10
C VAL B 185 24.04 24.49 -22.67
N VAL B 186 22.98 24.86 -21.96
CA VAL B 186 22.78 26.24 -21.50
C VAL B 186 23.72 26.65 -20.38
N MET B 187 23.93 25.76 -19.41
CA MET B 187 24.63 26.09 -18.17
C MET B 187 26.03 25.48 -18.06
N GLY B 188 26.38 24.58 -18.97
CA GLY B 188 27.66 23.89 -18.94
C GLY B 188 27.93 23.13 -17.65
N SER B 189 29.07 23.41 -17.04
CA SER B 189 29.51 22.69 -15.84
C SER B 189 28.77 23.13 -14.58
N SER B 190 27.98 24.20 -14.69
CA SER B 190 27.12 24.66 -13.60
C SER B 190 25.91 23.74 -13.36
N TYR B 191 25.54 22.95 -14.36
CA TYR B 191 24.43 22.00 -14.23
C TYR B 191 24.87 20.76 -13.45
N GLY B 192 24.38 20.65 -12.22
CA GLY B 192 24.83 19.62 -11.28
C GLY B 192 24.27 18.21 -11.44
N PHE B 193 23.34 18.02 -12.36
CA PHE B 193 22.75 16.69 -12.57
C PHE B 193 23.53 15.81 -13.56
N GLN B 194 24.56 16.39 -14.18
CA GLN B 194 25.47 15.65 -15.06
C GLN B 194 26.55 14.92 -14.25
N TYR B 195 26.69 15.30 -12.98
CA TYR B 195 27.75 14.78 -12.13
C TYR B 195 27.29 13.57 -11.32
N SER B 196 28.11 12.53 -11.34
CA SER B 196 28.02 11.43 -10.39
C SER B 196 28.70 11.91 -9.10
N PRO B 197 28.52 11.18 -7.98
CA PRO B 197 29.08 11.63 -6.71
C PRO B 197 30.56 11.99 -6.78
N GLY B 198 31.35 11.11 -7.40
CA GLY B 198 32.79 11.34 -7.58
C GLY B 198 33.07 12.54 -8.45
N GLN B 199 32.27 12.71 -9.49
CA GLN B 199 32.40 13.85 -10.41
C GLN B 199 32.04 15.17 -9.75
N ARG B 200 31.06 15.15 -8.85
CA ARG B 200 30.62 16.34 -8.11
C ARG B 200 31.65 16.79 -7.07
N VAL B 201 32.12 15.84 -6.26
CA VAL B 201 33.21 16.05 -5.30
C VAL B 201 34.42 16.65 -6.01
N GLU B 202 34.80 16.02 -7.12
CA GLU B 202 35.93 16.47 -7.92
C GLU B 202 35.72 17.91 -8.35
N PHE B 203 34.53 18.22 -8.86
CA PHE B 203 34.19 19.56 -9.31
C PHE B 203 34.21 20.59 -8.17
N LEU B 204 33.52 20.29 -7.08
CA LEU B 204 33.45 21.21 -5.95
C LEU B 204 34.84 21.55 -5.41
N VAL B 205 35.65 20.50 -5.17
CA VAL B 205 37.00 20.66 -4.65
C VAL B 205 37.91 21.44 -5.61
N ASN B 206 37.96 21.02 -6.88
CA ASN B 206 38.74 21.71 -7.91
C ASN B 206 38.35 23.18 -8.05
N THR B 207 37.04 23.46 -7.98
CA THR B 207 36.50 24.81 -8.02
C THR B 207 36.99 25.60 -6.82
N TRP B 208 36.90 24.97 -5.64
CA TRP B 208 37.39 25.58 -4.41
C TRP B 208 38.90 25.84 -4.50
N LYS B 209 39.64 24.92 -5.10
CA LYS B 209 41.10 25.02 -5.21
C LYS B 209 41.58 26.04 -6.25
N SER B 210 40.77 26.27 -7.29
CA SER B 210 41.14 27.20 -8.36
C SER B 210 40.99 28.68 -7.97
N LYS B 211 40.54 28.92 -6.74
CA LYS B 211 40.35 30.28 -6.22
C LYS B 211 41.51 30.67 -5.29
N LYS B 212 42.04 31.88 -5.47
CA LYS B 212 43.15 32.39 -4.66
C LYS B 212 42.75 32.54 -3.19
N ASN B 213 41.68 33.29 -2.94
CA ASN B 213 41.07 33.38 -1.61
C ASN B 213 39.65 32.81 -1.68
N PRO B 214 39.51 31.50 -1.41
CA PRO B 214 38.21 30.84 -1.62
C PRO B 214 37.13 31.22 -0.60
N MET B 215 35.96 31.59 -1.12
CA MET B 215 34.77 31.82 -0.31
C MET B 215 33.58 31.14 -0.96
N GLY B 216 32.70 30.57 -0.14
CA GLY B 216 31.54 29.86 -0.64
C GLY B 216 30.30 30.06 0.22
N PHE B 217 29.14 29.85 -0.40
CA PHE B 217 27.85 29.92 0.30
C PHE B 217 26.76 29.17 -0.45
N SER B 218 25.91 28.48 0.29
CA SER B 218 24.71 27.90 -0.29
C SER B 218 23.62 28.94 -0.23
N TYR B 219 22.69 28.89 -1.17
CA TYR B 219 21.54 29.79 -1.14
C TYR B 219 20.25 29.00 -0.99
N ASP B 220 19.57 29.22 0.13
CA ASP B 220 18.34 28.51 0.42
C ASP B 220 17.14 29.40 0.15
N THR B 221 16.37 29.05 -0.89
CA THR B 221 15.15 29.79 -1.22
C THR B 221 13.99 29.32 -0.34
N ARG B 222 13.13 30.25 0.06
CA ARG B 222 11.95 29.97 0.85
C ARG B 222 10.83 29.43 -0.06
N CYS B 223 10.68 28.12 -0.09
CA CYS B 223 9.69 27.43 -0.93
C CYS B 223 9.78 27.86 -2.38
N PHE B 224 10.87 27.44 -3.04
CA PHE B 224 11.18 27.84 -4.42
C PHE B 224 10.00 27.70 -5.38
N ASP B 225 9.31 26.56 -5.30
CA ASP B 225 8.15 26.30 -6.15
C ASP B 225 7.12 27.43 -6.12
N SER B 226 6.92 27.99 -4.92
CA SER B 226 5.96 29.07 -4.74
C SER B 226 6.43 30.40 -5.33
N THR B 227 7.74 30.62 -5.35
CA THR B 227 8.33 31.89 -5.79
C THR B 227 8.31 32.07 -7.31
N VAL B 228 8.31 30.97 -8.05
CA VAL B 228 8.29 30.97 -9.52
C VAL B 228 7.00 31.61 -10.06
N THR B 229 7.15 32.72 -10.77
CA THR B 229 6.01 33.46 -11.32
C THR B 229 5.55 32.94 -12.69
N GLU B 230 4.44 33.50 -13.18
CA GLU B 230 3.95 33.23 -14.53
C GLU B 230 4.98 33.69 -15.56
N ASN B 231 5.63 34.81 -15.27
CA ASN B 231 6.73 35.30 -16.09
C ASN B 231 7.85 34.27 -16.24
N ASP B 232 8.26 33.67 -15.12
CA ASP B 232 9.36 32.69 -15.10
C ASP B 232 9.07 31.48 -15.99
N ILE B 233 7.82 31.02 -15.95
CA ILE B 233 7.36 29.87 -16.73
C ILE B 233 7.27 30.20 -18.22
N ARG B 234 6.95 31.44 -18.55
CA ARG B 234 6.96 31.92 -19.94
C ARG B 234 8.38 32.11 -20.47
N VAL B 235 9.25 32.66 -19.61
CA VAL B 235 10.66 32.86 -19.95
C VAL B 235 11.31 31.49 -20.19
N GLU B 236 11.07 30.58 -19.26
CA GLU B 236 11.41 29.17 -19.37
C GLU B 236 10.97 28.56 -20.72
N GLU B 237 9.73 28.85 -21.14
CA GLU B 237 9.21 28.34 -22.41
C GLU B 237 9.90 28.93 -23.63
N SER B 238 10.22 30.22 -23.58
CA SER B 238 10.90 30.85 -24.71
C SER B 238 12.32 30.33 -24.88
N ILE B 239 12.92 29.90 -23.77
CA ILE B 239 14.20 29.17 -23.81
C ILE B 239 14.02 27.83 -24.55
N TYR B 240 12.93 27.12 -24.25
CA TYR B 240 12.62 25.87 -24.96
C TYR B 240 12.40 26.10 -26.46
N GLN B 241 11.70 27.18 -26.80
CA GLN B 241 11.38 27.49 -28.20
C GLN B 241 12.59 27.91 -29.03
N CYS B 242 13.70 28.24 -28.37
CA CYS B 242 14.95 28.55 -29.06
C CYS B 242 15.52 27.32 -29.77
N CYS B 243 15.17 26.13 -29.28
CA CYS B 243 15.66 24.87 -29.84
C CYS B 243 15.19 24.63 -31.26
N ASP B 244 15.93 23.78 -31.97
CA ASP B 244 15.45 23.23 -33.23
C ASP B 244 14.43 22.13 -32.91
N LEU B 245 13.16 22.46 -33.11
CA LEU B 245 12.05 21.55 -32.79
C LEU B 245 11.13 21.35 -33.99
N ALA B 246 10.49 20.18 -34.05
CA ALA B 246 9.41 19.92 -34.99
C ALA B 246 8.25 20.85 -34.65
N PRO B 247 7.55 21.38 -35.67
CA PRO B 247 6.40 22.26 -35.42
C PRO B 247 5.31 21.63 -34.54
N GLU B 248 5.22 20.30 -34.54
CA GLU B 248 4.34 19.60 -33.60
C GLU B 248 4.81 19.77 -32.16
N ALA B 249 6.13 19.77 -31.97
CA ALA B 249 6.72 19.97 -30.65
C ALA B 249 6.54 21.40 -30.15
N ARG B 250 6.68 22.38 -31.04
CA ARG B 250 6.51 23.80 -30.68
C ARG B 250 5.10 24.09 -30.19
N GLN B 251 4.11 23.58 -30.90
CA GLN B 251 2.72 23.75 -30.52
C GLN B 251 2.44 23.09 -29.17
N ALA B 252 2.90 21.85 -29.01
CA ALA B 252 2.67 21.09 -27.79
C ALA B 252 3.32 21.75 -26.56
N ILE B 253 4.54 22.25 -26.73
CA ILE B 253 5.25 22.94 -25.65
C ILE B 253 4.50 24.21 -25.22
N LYS B 254 4.13 25.03 -26.19
CA LYS B 254 3.39 26.27 -25.93
C LYS B 254 2.06 25.99 -25.23
N SER B 255 1.35 24.98 -25.72
CA SER B 255 0.08 24.54 -25.17
C SER B 255 0.21 24.13 -23.70
N LEU B 256 1.17 23.22 -23.43
CA LEU B 256 1.42 22.72 -22.07
C LEU B 256 1.83 23.83 -21.11
N THR B 257 2.57 24.81 -21.62
CA THR B 257 2.98 25.97 -20.83
C THR B 257 1.75 26.77 -20.40
N GLU B 258 0.90 27.13 -21.36
CA GLU B 258 -0.28 27.97 -21.12
C GLU B 258 -1.33 27.26 -20.27
N ARG B 259 -1.47 25.96 -20.48
CA ARG B 259 -2.57 25.19 -19.91
C ARG B 259 -2.22 24.50 -18.59
N LEU B 260 -0.95 24.18 -18.41
CA LEU B 260 -0.52 23.42 -17.24
C LEU B 260 0.58 24.11 -16.42
N TYR B 261 1.71 24.40 -17.04
CA TYR B 261 2.90 24.89 -16.32
C TYR B 261 2.71 26.27 -15.66
N ILE B 262 2.07 27.19 -16.37
CA ILE B 262 1.72 28.52 -15.84
C ILE B 262 0.80 28.44 -14.62
N GLY B 263 -0.16 27.52 -14.66
CA GLY B 263 -1.14 27.36 -13.59
C GLY B 263 -2.36 26.60 -14.03
N GLY B 264 -3.29 26.42 -13.09
CA GLY B 264 -4.53 25.68 -13.36
C GLY B 264 -5.29 25.29 -12.12
N PRO B 265 -6.49 24.70 -12.30
CA PRO B 265 -7.32 24.31 -11.16
C PRO B 265 -6.74 23.14 -10.37
N LEU B 266 -7.01 23.14 -9.07
CA LEU B 266 -6.54 22.11 -8.16
C LEU B 266 -7.69 21.23 -7.68
N THR B 267 -7.49 19.92 -7.76
CA THR B 267 -8.52 18.94 -7.43
C THR B 267 -7.98 17.96 -6.38
N ASN B 268 -8.76 17.70 -5.33
CA ASN B 268 -8.35 16.69 -4.35
C ASN B 268 -8.60 15.27 -4.86
N SER B 269 -8.18 14.28 -4.10
CA SER B 269 -8.32 12.87 -4.50
C SER B 269 -9.77 12.40 -4.64
N LYS B 270 -10.69 13.15 -4.02
CA LYS B 270 -12.11 12.81 -4.04
C LYS B 270 -12.85 13.52 -5.19
N GLY B 271 -12.19 14.48 -5.82
CA GLY B 271 -12.74 15.16 -6.99
C GLY B 271 -13.28 16.56 -6.77
N GLN B 272 -13.11 17.08 -5.56
CA GLN B 272 -13.55 18.44 -5.24
C GLN B 272 -12.46 19.44 -5.61
N ASN B 273 -12.89 20.64 -6.00
CA ASN B 273 -11.98 21.73 -6.30
C ASN B 273 -11.42 22.36 -5.03
N CYS B 274 -10.10 22.49 -4.97
CA CYS B 274 -9.42 23.05 -3.80
C CYS B 274 -9.00 24.49 -3.99
N GLY B 275 -8.92 24.91 -5.26
CA GLY B 275 -8.49 26.26 -5.59
C GLY B 275 -7.74 26.35 -6.91
N TYR B 276 -6.78 27.25 -6.96
CA TYR B 276 -6.05 27.54 -8.19
C TYR B 276 -4.57 27.75 -7.91
N ARG B 277 -3.74 27.42 -8.89
CA ARG B 277 -2.28 27.59 -8.77
C ARG B 277 -1.75 28.57 -9.82
N ARG B 278 -0.89 29.48 -9.40
CA ARG B 278 -0.21 30.42 -10.31
C ARG B 278 1.31 30.35 -10.15
N CYS B 279 1.80 29.18 -9.75
CA CYS B 279 3.22 28.93 -9.58
C CYS B 279 3.58 27.53 -10.07
N ARG B 280 4.84 27.13 -9.86
CA ARG B 280 5.36 25.85 -10.32
C ARG B 280 4.63 24.67 -9.70
N ALA B 281 4.17 23.76 -10.55
CA ALA B 281 3.68 22.46 -10.11
C ALA B 281 4.87 21.56 -9.87
N SER B 282 4.83 20.83 -8.76
CA SER B 282 5.91 19.94 -8.39
C SER B 282 5.93 18.64 -9.19
N GLY B 283 4.78 18.23 -9.71
CA GLY B 283 4.66 16.94 -10.38
C GLY B 283 4.52 16.97 -11.90
N VAL B 284 5.33 17.78 -12.56
CA VAL B 284 5.38 17.83 -14.02
C VAL B 284 6.80 17.61 -14.51
N LEU B 285 6.94 17.27 -15.79
CA LEU B 285 8.26 16.94 -16.33
C LEU B 285 9.24 18.10 -16.29
N THR B 286 8.73 19.32 -16.43
CA THR B 286 9.59 20.50 -16.50
C THR B 286 10.01 21.03 -15.13
N THR B 287 9.55 20.40 -14.06
CA THR B 287 9.83 20.85 -12.70
C THR B 287 11.33 21.04 -12.42
N SER B 288 12.12 20.02 -12.73
CA SER B 288 13.57 20.06 -12.47
C SER B 288 14.31 21.01 -13.43
N CYS B 289 14.15 20.79 -14.72
CA CYS B 289 14.83 21.62 -15.73
C CYS B 289 14.43 23.08 -15.61
N GLY B 290 13.15 23.33 -15.35
CA GLY B 290 12.63 24.69 -15.23
C GLY B 290 13.09 25.41 -13.99
N ASN B 291 13.18 24.68 -12.88
CA ASN B 291 13.71 25.24 -11.64
C ASN B 291 15.19 25.54 -11.77
N THR B 292 15.92 24.63 -12.41
CA THR B 292 17.36 24.79 -12.67
C THR B 292 17.62 26.03 -13.52
N LEU B 293 16.96 26.11 -14.67
CA LEU B 293 17.09 27.28 -15.55
C LEU B 293 16.72 28.57 -14.83
N THR B 294 15.66 28.53 -14.02
CA THR B 294 15.17 29.74 -13.37
C THR B 294 16.12 30.17 -12.25
N CYS B 295 16.61 29.20 -11.49
CA CYS B 295 17.57 29.45 -10.41
C CYS B 295 18.89 29.99 -10.95
N TYR B 296 19.42 29.33 -11.98
CA TYR B 296 20.67 29.75 -12.63
C TYR B 296 20.59 31.16 -13.19
N LEU B 297 19.50 31.46 -13.91
CA LEU B 297 19.29 32.79 -14.48
C LEU B 297 19.33 33.85 -13.36
N LYS B 298 18.51 33.66 -12.34
CA LYS B 298 18.39 34.62 -11.24
C LYS B 298 19.68 34.79 -10.44
N ALA B 299 20.27 33.65 -10.05
CA ALA B 299 21.53 33.65 -9.31
C ALA B 299 22.65 34.32 -10.11
N SER B 300 22.76 33.97 -11.39
CA SER B 300 23.77 34.55 -12.30
C SER B 300 23.69 36.06 -12.43
N ALA B 301 22.48 36.58 -12.55
CA ALA B 301 22.25 38.03 -12.64
C ALA B 301 22.49 38.69 -11.28
N ALA B 302 22.27 37.91 -10.22
CA ALA B 302 22.47 38.39 -8.87
C ALA B 302 23.95 38.45 -8.51
N CYS B 303 24.76 37.61 -9.17
CA CYS B 303 26.20 37.66 -9.00
C CYS B 303 26.77 38.91 -9.66
N ARG B 304 26.25 39.22 -10.85
CA ARG B 304 26.63 40.43 -11.58
C ARG B 304 26.22 41.67 -10.79
N ALA B 305 25.00 41.68 -10.26
CA ALA B 305 24.52 42.76 -9.41
C ALA B 305 25.42 42.95 -8.19
N ALA B 306 25.72 41.83 -7.50
CA ALA B 306 26.52 41.85 -6.27
C ALA B 306 28.00 42.08 -6.50
N LYS B 307 28.41 42.16 -7.76
CA LYS B 307 29.81 42.33 -8.15
C LYS B 307 30.69 41.25 -7.50
N LEU B 308 30.23 40.00 -7.54
CA LEU B 308 31.00 38.90 -7.00
C LEU B 308 32.19 38.57 -7.89
N GLN B 309 33.35 38.37 -7.28
CA GLN B 309 34.58 38.15 -8.01
C GLN B 309 34.73 36.70 -8.42
N ASP B 310 34.72 36.47 -9.74
CA ASP B 310 34.96 35.16 -10.34
C ASP B 310 34.04 34.06 -9.78
N CYS B 311 32.77 34.15 -10.15
CA CYS B 311 31.75 33.20 -9.69
C CYS B 311 31.81 31.87 -10.40
N THR B 312 31.74 30.80 -9.62
CA THR B 312 31.43 29.48 -10.15
C THR B 312 30.16 29.02 -9.46
N MET B 313 29.12 28.78 -10.25
CA MET B 313 27.86 28.31 -9.71
C MET B 313 27.68 26.82 -9.99
N LEU B 314 27.05 26.16 -9.05
CA LEU B 314 26.62 24.79 -9.24
C LEU B 314 25.15 24.73 -8.83
N VAL B 315 24.31 24.29 -9.75
CA VAL B 315 22.86 24.36 -9.59
C VAL B 315 22.22 23.00 -9.85
N ASN B 316 21.31 22.62 -8.96
CA ASN B 316 20.52 21.40 -9.09
C ASN B 316 19.06 21.69 -8.79
N GLY B 317 18.31 22.07 -9.81
CA GLY B 317 16.93 22.53 -9.60
C GLY B 317 16.98 23.78 -8.75
N ASP B 318 16.37 23.70 -7.58
CA ASP B 318 16.30 24.85 -6.67
C ASP B 318 17.47 24.91 -5.70
N ASP B 319 18.30 23.87 -5.72
CA ASP B 319 19.49 23.81 -4.87
C ASP B 319 20.63 24.59 -5.51
N LEU B 320 21.18 25.53 -4.75
CA LEU B 320 22.17 26.47 -5.28
C LEU B 320 23.40 26.61 -4.40
N VAL B 321 24.57 26.45 -5.00
CA VAL B 321 25.84 26.67 -4.32
C VAL B 321 26.74 27.58 -5.17
N VAL B 322 27.35 28.57 -4.51
CA VAL B 322 28.24 29.54 -5.16
C VAL B 322 29.62 29.51 -4.50
N ILE B 323 30.65 29.36 -5.32
CA ILE B 323 32.03 29.52 -4.88
C ILE B 323 32.64 30.66 -5.70
N CYS B 324 33.38 31.53 -5.03
CA CYS B 324 33.99 32.67 -5.70
C CYS B 324 35.26 33.10 -4.97
N GLU B 325 35.81 34.24 -5.39
CA GLU B 325 36.99 34.84 -4.75
C GLU B 325 36.59 35.77 -3.62
N SER B 326 37.25 35.62 -2.47
CA SER B 326 37.00 36.46 -1.29
C SER B 326 37.69 37.80 -1.39
N ALA B 327 36.99 38.86 -0.98
CA ALA B 327 37.57 40.21 -0.93
C ALA B 327 37.73 40.69 0.53
N GLY B 328 37.92 39.75 1.44
CA GLY B 328 37.96 40.07 2.87
C GLY B 328 36.65 39.73 3.56
N THR B 329 36.72 39.48 4.87
CA THR B 329 35.55 39.06 5.65
C THR B 329 34.35 40.00 5.51
N GLN B 330 34.57 41.29 5.77
CA GLN B 330 33.48 42.26 5.83
C GLN B 330 32.90 42.58 4.46
N GLU B 331 33.75 42.57 3.43
CA GLU B 331 33.33 42.90 2.07
C GLU B 331 32.46 41.79 1.49
N ASP B 332 32.85 40.54 1.74
CA ASP B 332 32.06 39.37 1.34
C ASP B 332 30.68 39.38 1.97
N ALA B 333 30.59 39.84 3.21
CA ALA B 333 29.33 39.89 3.94
C ALA B 333 28.39 40.93 3.33
N ALA B 334 28.95 42.00 2.76
CA ALA B 334 28.18 43.02 2.06
C ALA B 334 27.73 42.51 0.69
N SER B 335 28.62 41.77 0.04
CA SER B 335 28.33 41.14 -1.26
C SER B 335 27.14 40.18 -1.18
N LEU B 336 27.08 39.40 -0.10
CA LEU B 336 25.98 38.46 0.12
C LEU B 336 24.65 39.15 0.35
N ARG B 337 24.68 40.28 1.08
CA ARG B 337 23.46 41.04 1.34
C ARG B 337 22.88 41.60 0.04
N VAL B 338 23.75 42.11 -0.83
CA VAL B 338 23.37 42.65 -2.14
C VAL B 338 22.83 41.54 -3.05
N PHE B 339 23.51 40.40 -3.06
CA PHE B 339 23.07 39.21 -3.79
C PHE B 339 21.66 38.81 -3.38
N THR B 340 21.42 38.76 -2.07
CA THR B 340 20.12 38.41 -1.51
C THR B 340 19.06 39.44 -1.88
N GLU B 341 19.48 40.70 -1.94
CA GLU B 341 18.61 41.80 -2.34
C GLU B 341 18.12 41.61 -3.79
N ALA B 342 19.06 41.27 -4.67
CA ALA B 342 18.76 41.00 -6.07
C ALA B 342 17.79 39.82 -6.20
N MET B 343 18.14 38.70 -5.57
CA MET B 343 17.31 37.50 -5.60
C MET B 343 15.88 37.80 -5.12
N THR B 344 15.77 38.57 -4.04
CA THR B 344 14.48 38.99 -3.48
C THR B 344 13.66 39.77 -4.51
N ARG B 345 14.32 40.70 -5.21
CA ARG B 345 13.69 41.46 -6.29
C ARG B 345 13.26 40.57 -7.47
N TYR B 346 14.03 39.51 -7.74
CA TYR B 346 13.68 38.55 -8.79
C TYR B 346 12.62 37.54 -8.33
N SER B 347 12.08 37.77 -7.13
CA SER B 347 11.12 36.86 -6.50
C SER B 347 11.77 35.53 -6.11
N ALA B 348 12.84 35.61 -5.33
CA ALA B 348 13.51 34.45 -4.76
C ALA B 348 14.14 34.78 -3.40
N PRO B 349 13.29 35.14 -2.41
CA PRO B 349 13.78 35.47 -1.08
C PRO B 349 14.29 34.23 -0.35
N PRO B 350 15.27 34.40 0.55
CA PRO B 350 15.85 33.24 1.21
C PRO B 350 14.99 32.71 2.36
N GLY B 351 15.25 31.47 2.78
CA GLY B 351 14.66 30.91 3.99
C GLY B 351 15.44 31.44 5.17
N ASP B 352 16.71 31.02 5.27
CA ASP B 352 17.66 31.57 6.22
C ASP B 352 18.56 32.53 5.43
N PRO B 353 19.02 33.63 6.06
CA PRO B 353 19.96 34.47 5.33
C PRO B 353 21.25 33.69 5.02
N PRO B 354 21.78 33.84 3.80
CA PRO B 354 23.01 33.12 3.48
C PRO B 354 24.18 33.65 4.29
N GLN B 355 25.07 32.76 4.71
CA GLN B 355 26.28 33.18 5.41
C GLN B 355 27.51 32.72 4.62
N PRO B 356 28.56 33.56 4.58
CA PRO B 356 29.75 33.16 3.83
C PRO B 356 30.59 32.16 4.62
N GLU B 357 30.95 31.06 3.97
CA GLU B 357 31.83 30.06 4.58
C GLU B 357 33.20 30.09 3.94
N TYR B 358 34.24 29.91 4.75
CA TYR B 358 35.63 29.95 4.27
C TYR B 358 36.30 28.58 4.35
N ASP B 359 35.50 27.58 4.71
CA ASP B 359 35.91 26.19 4.79
C ASP B 359 34.88 25.36 4.01
N LEU B 360 35.36 24.67 2.97
CA LEU B 360 34.48 23.93 2.07
C LEU B 360 33.63 22.91 2.81
N GLU B 361 34.22 22.28 3.83
CA GLU B 361 33.54 21.24 4.60
C GLU B 361 32.29 21.70 5.34
N LEU B 362 32.14 23.02 5.52
CA LEU B 362 30.98 23.58 6.22
C LEU B 362 29.86 24.05 5.29
N ILE B 363 29.97 23.72 4.00
CA ILE B 363 28.99 24.14 3.01
C ILE B 363 28.05 22.98 2.65
N THR B 364 26.75 23.24 2.70
CA THR B 364 25.73 22.24 2.36
C THR B 364 25.06 22.57 1.02
N SER B 365 25.19 21.66 0.06
CA SER B 365 24.53 21.76 -1.23
C SER B 365 24.10 20.38 -1.70
N CYS B 366 22.84 20.28 -2.13
CA CYS B 366 22.15 19.02 -2.33
C CYS B 366 22.14 18.18 -1.07
N SER B 367 21.89 18.86 0.06
CA SER B 367 21.85 18.24 1.38
C SER B 367 23.17 17.58 1.79
N SER B 368 24.24 17.94 1.09
CA SER B 368 25.53 17.27 1.26
C SER B 368 26.71 18.24 1.41
N ASN B 369 27.71 17.80 2.17
CA ASN B 369 28.94 18.55 2.36
C ASN B 369 30.15 17.68 2.06
N VAL B 370 31.24 18.32 1.67
CA VAL B 370 32.51 17.63 1.43
C VAL B 370 33.17 17.31 2.77
N SER B 371 33.75 16.12 2.85
CA SER B 371 34.59 15.73 3.96
C SER B 371 35.69 14.85 3.41
N VAL B 372 36.67 14.52 4.25
CA VAL B 372 37.85 13.80 3.77
C VAL B 372 38.19 12.57 4.62
N ALA B 373 38.64 11.52 3.95
CA ALA B 373 39.13 10.32 4.59
C ALA B 373 40.42 9.91 3.92
N HIS B 374 40.96 8.75 4.32
CA HIS B 374 42.19 8.20 3.74
C HIS B 374 41.92 6.80 3.19
N ASP B 375 42.50 6.49 2.04
CA ASP B 375 42.30 5.17 1.43
C ASP B 375 43.33 4.13 1.93
N ALA B 376 43.39 2.98 1.29
CA ALA B 376 44.28 1.88 1.72
C ALA B 376 45.74 2.32 1.80
N SER B 377 46.19 3.08 0.81
CA SER B 377 47.55 3.61 0.80
C SER B 377 47.74 4.83 1.71
N GLY B 378 46.69 5.22 2.44
CA GLY B 378 46.74 6.34 3.37
C GLY B 378 46.61 7.69 2.73
N LYS B 379 46.21 7.71 1.46
CA LYS B 379 46.09 8.94 0.66
C LYS B 379 44.73 9.62 0.89
N ARG B 380 44.71 10.96 0.82
CA ARG B 380 43.50 11.75 1.03
C ARG B 380 42.48 11.56 -0.09
N VAL B 381 41.26 11.21 0.32
CA VAL B 381 40.14 11.07 -0.61
C VAL B 381 38.98 11.93 -0.11
N TYR B 382 38.50 12.80 -1.00
CA TYR B 382 37.30 13.59 -0.72
C TYR B 382 36.07 12.81 -1.13
N TYR B 383 35.03 12.93 -0.32
CA TYR B 383 33.77 12.23 -0.56
C TYR B 383 32.63 13.09 -0.05
N LEU B 384 31.42 12.82 -0.54
CA LEU B 384 30.25 13.56 -0.10
C LEU B 384 29.48 12.82 0.99
N THR B 385 29.02 13.58 1.98
CA THR B 385 28.29 13.04 3.12
C THR B 385 27.21 14.03 3.59
N ARG B 386 26.46 13.64 4.63
CA ARG B 386 25.45 14.49 5.23
C ARG B 386 25.17 14.04 6.66
N ASP B 387 24.32 14.79 7.35
CA ASP B 387 23.76 14.35 8.62
C ASP B 387 22.89 13.11 8.35
N PRO B 388 23.19 11.98 9.02
CA PRO B 388 22.52 10.73 8.71
C PRO B 388 21.14 10.59 9.36
N THR B 389 20.67 11.65 10.02
CA THR B 389 19.42 11.61 10.78
C THR B 389 18.20 11.22 9.95
N THR B 390 17.97 11.92 8.83
CA THR B 390 16.83 11.61 7.98
C THR B 390 17.00 10.24 7.31
N PRO B 391 18.13 10.01 6.62
CA PRO B 391 18.33 8.69 6.01
C PRO B 391 18.08 7.50 6.95
N LEU B 392 18.47 7.62 8.23
CA LEU B 392 18.28 6.55 9.20
C LEU B 392 16.83 6.42 9.69
N ALA B 393 16.16 7.56 9.85
CA ALA B 393 14.74 7.55 10.23
C ALA B 393 13.91 6.88 9.15
N ARG B 394 14.26 7.17 7.90
CA ARG B 394 13.60 6.56 6.74
C ARG B 394 13.97 5.08 6.58
N ALA B 395 15.21 4.74 6.96
CA ALA B 395 15.66 3.35 6.99
C ALA B 395 14.89 2.52 8.01
N ALA B 396 14.60 3.12 9.17
CA ALA B 396 13.77 2.46 10.18
C ALA B 396 12.37 2.17 9.66
N TRP B 397 11.80 3.15 8.96
CA TRP B 397 10.43 3.02 8.43
C TRP B 397 10.36 1.92 7.37
N GLU B 398 11.38 1.86 6.52
CA GLU B 398 11.44 0.91 5.42
C GLU B 398 11.77 -0.51 5.90
N THR B 399 12.29 -0.58 7.12
CA THR B 399 12.57 -1.85 7.79
C THR B 399 11.26 -2.59 8.13
N ALA B 400 10.20 -1.83 8.39
CA ALA B 400 8.90 -2.41 8.79
C ALA B 400 7.78 -2.23 7.74
N ARG B 401 7.98 -1.33 6.78
CA ARG B 401 7.04 -1.15 5.66
C ARG B 401 7.71 -1.24 4.30
N HIS B 402 7.15 -2.06 3.42
CA HIS B 402 7.49 -2.02 1.99
C HIS B 402 7.08 -0.66 1.46
N THR B 403 7.96 -0.03 0.70
CA THR B 403 7.68 1.26 0.08
C THR B 403 7.86 1.17 -1.43
N PRO B 404 7.28 2.13 -2.19
CA PRO B 404 7.47 2.11 -3.66
C PRO B 404 8.90 2.52 -4.02
N VAL B 405 9.49 3.38 -3.20
CA VAL B 405 10.88 3.83 -3.34
C VAL B 405 11.65 3.35 -2.11
N ASN B 406 12.78 2.69 -2.34
CA ASN B 406 13.65 2.26 -1.26
C ASN B 406 14.78 3.27 -1.06
N SER B 407 14.56 4.21 -0.15
CA SER B 407 15.51 5.29 0.10
C SER B 407 16.84 4.78 0.65
N TRP B 408 16.81 3.67 1.37
CA TRP B 408 18.03 3.09 1.93
C TRP B 408 19.04 2.71 0.84
N LEU B 409 18.52 2.21 -0.28
CA LEU B 409 19.33 1.81 -1.41
C LEU B 409 19.88 3.02 -2.16
N GLY B 410 19.04 4.03 -2.34
CA GLY B 410 19.47 5.29 -2.95
C GLY B 410 20.55 5.95 -2.12
N ASN B 411 20.35 5.94 -0.79
CA ASN B 411 21.34 6.46 0.15
C ASN B 411 22.65 5.68 0.17
N ILE B 412 22.57 4.36 0.02
CA ILE B 412 23.79 3.55 -0.10
C ILE B 412 24.54 3.88 -1.40
N ILE B 413 23.82 3.96 -2.51
CA ILE B 413 24.43 4.28 -3.80
C ILE B 413 25.10 5.66 -3.77
N MET B 414 24.38 6.67 -3.29
CA MET B 414 24.85 8.05 -3.35
C MET B 414 25.79 8.45 -2.21
N TYR B 415 25.75 7.71 -1.10
CA TYR B 415 26.64 7.97 0.04
C TYR B 415 27.52 6.77 0.39
N ALA B 416 27.81 5.95 -0.61
CA ALA B 416 28.61 4.73 -0.41
C ALA B 416 29.88 4.88 0.43
N PRO B 417 30.69 5.94 0.19
CA PRO B 417 31.95 6.05 0.95
C PRO B 417 31.79 6.54 2.40
N THR B 418 30.60 7.01 2.77
CA THR B 418 30.38 7.58 4.12
C THR B 418 30.40 6.52 5.22
N LEU B 419 30.79 6.95 6.42
CA LEU B 419 30.92 6.06 7.57
C LEU B 419 29.59 5.40 7.96
N TRP B 420 28.53 6.21 8.04
CA TRP B 420 27.23 5.74 8.48
C TRP B 420 26.52 4.81 7.48
N ALA B 421 26.78 5.00 6.19
CA ALA B 421 26.16 4.16 5.17
C ALA B 421 26.80 2.77 5.09
N ARG B 422 28.12 2.72 5.25
CA ARG B 422 28.86 1.46 5.22
C ARG B 422 28.62 0.63 6.47
N MET B 423 28.64 1.28 7.63
CA MET B 423 28.59 0.56 8.90
C MET B 423 27.17 0.25 9.38
N ILE B 424 26.21 1.09 9.01
CA ILE B 424 24.82 0.88 9.41
C ILE B 424 23.94 0.40 8.23
N LEU B 425 23.74 1.26 7.23
CA LEU B 425 22.84 0.93 6.12
C LEU B 425 23.19 -0.36 5.38
N MET B 426 24.48 -0.57 5.11
CA MET B 426 24.92 -1.80 4.46
C MET B 426 24.74 -3.02 5.36
N THR B 427 25.17 -2.90 6.62
CA THR B 427 25.11 -4.01 7.57
C THR B 427 23.67 -4.43 7.88
N HIS B 428 22.86 -3.47 8.29
CA HIS B 428 21.45 -3.70 8.58
C HIS B 428 20.69 -4.36 7.42
N PHE B 429 20.77 -3.74 6.24
CA PHE B 429 19.94 -4.17 5.10
C PHE B 429 20.40 -5.43 4.37
N PHE B 430 21.69 -5.73 4.42
CA PHE B 430 22.15 -7.01 3.87
C PHE B 430 21.76 -8.17 4.77
N SER B 431 21.73 -7.91 6.08
CA SER B 431 21.21 -8.86 7.05
C SER B 431 19.77 -9.22 6.74
N ILE B 432 18.96 -8.21 6.44
CA ILE B 432 17.56 -8.41 6.03
C ILE B 432 17.46 -9.25 4.74
N LEU B 433 18.29 -8.94 3.74
CA LEU B 433 18.20 -9.65 2.46
C LEU B 433 18.68 -11.10 2.54
N LEU B 434 19.67 -11.36 3.39
CA LEU B 434 20.18 -12.72 3.61
C LEU B 434 19.12 -13.61 4.28
N ALA B 435 18.50 -13.09 5.34
CA ALA B 435 17.47 -13.81 6.09
C ALA B 435 16.20 -14.08 5.28
N GLN B 436 15.89 -13.18 4.34
CA GLN B 436 14.70 -13.32 3.51
C GLN B 436 15.00 -14.04 2.20
N GLU B 437 16.28 -14.29 1.96
CA GLU B 437 16.80 -14.84 0.71
C GLU B 437 16.33 -14.00 -0.50
N GLN B 438 16.55 -12.70 -0.41
CA GLN B 438 16.11 -11.76 -1.43
C GLN B 438 17.25 -10.89 -1.96
N LEU B 439 18.46 -11.48 -2.01
CA LEU B 439 19.65 -10.80 -2.54
C LEU B 439 19.51 -10.48 -4.03
N GLU B 440 18.96 -11.43 -4.78
CA GLU B 440 18.90 -11.33 -6.24
C GLU B 440 17.67 -10.55 -6.74
N LYS B 441 16.76 -10.23 -5.83
CA LYS B 441 15.52 -9.55 -6.17
C LYS B 441 15.74 -8.06 -6.40
N ALA B 442 15.40 -7.61 -7.61
CA ALA B 442 15.57 -6.22 -8.00
C ALA B 442 14.69 -5.28 -7.20
N LEU B 443 15.24 -4.12 -6.82
CA LEU B 443 14.49 -3.13 -6.09
C LEU B 443 14.44 -1.78 -6.81
N ASP B 444 13.37 -1.02 -6.56
CA ASP B 444 13.20 0.32 -7.13
C ASP B 444 13.77 1.39 -6.21
N CYS B 445 14.46 2.36 -6.81
CA CYS B 445 14.99 3.50 -6.06
C CYS B 445 15.13 4.74 -6.94
N GLN B 446 15.29 5.91 -6.31
CA GLN B 446 15.36 7.18 -7.03
C GLN B 446 16.74 7.79 -7.09
N ILE B 447 17.24 7.99 -8.30
CA ILE B 447 18.47 8.77 -8.53
C ILE B 447 18.15 10.01 -9.36
N TYR B 448 18.40 11.17 -8.76
CA TYR B 448 18.10 12.48 -9.36
C TYR B 448 16.66 12.65 -9.84
N GLY B 449 15.72 12.03 -9.12
CA GLY B 449 14.29 12.12 -9.43
C GLY B 449 13.77 10.96 -10.25
N ALA B 450 14.67 10.34 -11.04
CA ALA B 450 14.30 9.23 -11.91
C ALA B 450 14.21 7.91 -11.13
N CYS B 451 13.46 6.96 -11.66
CA CYS B 451 13.34 5.66 -11.01
C CYS B 451 14.15 4.60 -11.72
N TYR B 452 14.82 3.75 -10.95
CA TYR B 452 15.68 2.70 -11.49
C TYR B 452 15.39 1.37 -10.81
N SER B 453 15.46 0.29 -11.58
CA SER B 453 15.40 -1.05 -11.01
C SER B 453 16.83 -1.54 -10.80
N ILE B 454 17.18 -1.87 -9.57
CA ILE B 454 18.54 -2.24 -9.24
C ILE B 454 18.61 -3.50 -8.38
N GLU B 455 19.41 -4.46 -8.84
CA GLU B 455 19.69 -5.66 -8.09
C GLU B 455 20.81 -5.37 -7.10
N PRO B 456 20.51 -5.45 -5.79
CA PRO B 456 21.48 -5.17 -4.73
C PRO B 456 22.83 -5.84 -4.92
N LEU B 457 22.87 -6.96 -5.65
CA LEU B 457 24.13 -7.67 -5.91
C LEU B 457 25.04 -6.94 -6.91
N ASP B 458 24.50 -5.92 -7.56
CA ASP B 458 25.28 -5.03 -8.43
C ASP B 458 25.90 -3.85 -7.69
N LEU B 459 25.62 -3.73 -6.39
CA LEU B 459 26.13 -2.63 -5.57
C LEU B 459 27.65 -2.43 -5.59
N PRO B 460 28.45 -3.52 -5.53
CA PRO B 460 29.89 -3.32 -5.61
C PRO B 460 30.35 -2.64 -6.91
N GLN B 461 29.81 -3.09 -8.04
CA GLN B 461 30.17 -2.54 -9.36
C GLN B 461 29.76 -1.08 -9.48
N ILE B 462 28.53 -0.79 -9.06
CA ILE B 462 27.97 0.56 -9.05
C ILE B 462 28.85 1.53 -8.25
N ILE B 463 29.24 1.12 -7.04
CA ILE B 463 30.03 1.96 -6.14
C ILE B 463 31.43 2.21 -6.70
N GLU B 464 31.97 1.22 -7.42
CA GLU B 464 33.26 1.39 -8.08
C GLU B 464 33.19 2.48 -9.15
N ARG B 465 32.11 2.50 -9.92
CA ARG B 465 31.92 3.47 -11.00
C ARG B 465 31.63 4.90 -10.51
N LEU B 466 30.94 5.01 -9.38
CA LEU B 466 30.47 6.31 -8.90
C LEU B 466 31.37 6.96 -7.85
N HIS B 467 32.27 6.18 -7.26
CA HIS B 467 33.12 6.68 -6.17
C HIS B 467 34.58 6.27 -6.34
N GLY B 468 34.82 5.18 -7.06
CA GLY B 468 36.16 4.60 -7.19
C GLY B 468 36.40 3.53 -6.12
N LEU B 469 37.46 2.75 -6.30
CA LEU B 469 37.79 1.64 -5.40
C LEU B 469 38.05 2.09 -3.96
N SER B 470 38.52 3.31 -3.77
CA SER B 470 38.86 3.82 -2.44
C SER B 470 37.67 3.79 -1.48
N ALA B 471 36.46 3.77 -2.04
CA ALA B 471 35.22 3.73 -1.27
C ALA B 471 35.09 2.44 -0.44
N PHE B 472 35.83 1.41 -0.81
CA PHE B 472 35.79 0.14 -0.09
C PHE B 472 36.91 -0.02 0.93
N SER B 473 37.70 1.03 1.14
CA SER B 473 38.82 0.95 2.08
C SER B 473 39.08 2.24 2.84
N LEU B 474 38.11 3.16 2.81
CA LEU B 474 38.25 4.44 3.50
C LEU B 474 38.25 4.29 5.01
N HIS B 475 39.21 4.95 5.65
CA HIS B 475 39.36 4.94 7.11
C HIS B 475 39.76 6.34 7.57
N SER B 476 39.93 6.49 8.88
CA SER B 476 40.34 7.77 9.48
C SER B 476 39.48 8.91 8.94
N TYR B 477 38.19 8.79 9.19
CA TYR B 477 37.23 9.85 8.93
C TYR B 477 37.55 11.01 9.87
N SER B 478 37.15 12.23 9.48
CA SER B 478 37.45 13.42 10.29
C SER B 478 36.66 13.44 11.60
N PRO B 479 37.25 14.07 12.65
CA PRO B 479 36.60 14.26 13.96
C PRO B 479 35.23 14.95 13.89
N GLY B 480 35.06 15.88 12.96
CA GLY B 480 33.78 16.60 12.80
C GLY B 480 32.68 15.71 12.29
N GLU B 481 32.99 14.89 11.29
CA GLU B 481 32.07 13.91 10.73
C GLU B 481 31.73 12.81 11.74
N ILE B 482 32.77 12.29 12.42
CA ILE B 482 32.57 11.26 13.44
C ILE B 482 31.61 11.73 14.54
N ASN B 483 31.77 12.98 14.97
CA ASN B 483 30.88 13.57 15.97
C ASN B 483 29.43 13.64 15.51
N ARG B 484 29.21 14.07 14.26
CA ARG B 484 27.85 14.18 13.72
C ARG B 484 27.18 12.81 13.57
N VAL B 485 27.96 11.79 13.22
CA VAL B 485 27.45 10.43 13.16
C VAL B 485 27.03 9.97 14.55
N ALA B 486 27.92 10.14 15.53
CA ALA B 486 27.67 9.75 16.92
C ALA B 486 26.49 10.47 17.56
N SER B 487 26.42 11.79 17.36
CA SER B 487 25.33 12.62 17.90
C SER B 487 23.97 12.21 17.40
N CYS B 488 23.94 11.62 16.20
CA CYS B 488 22.72 11.11 15.61
C CYS B 488 22.30 9.80 16.28
N LEU B 489 23.27 8.93 16.57
CA LEU B 489 23.00 7.61 17.17
C LEU B 489 22.45 7.73 18.59
N ARG B 490 22.97 8.70 19.35
CA ARG B 490 22.45 9.03 20.68
C ARG B 490 21.02 9.56 20.60
N LYS B 491 20.78 10.40 19.59
CA LYS B 491 19.47 10.99 19.34
C LYS B 491 18.40 9.93 19.01
N LEU B 492 18.77 8.95 18.19
CA LEU B 492 17.81 7.99 17.66
C LEU B 492 17.78 6.67 18.43
N GLY B 493 18.82 6.40 19.20
CA GLY B 493 18.93 5.15 19.93
C GLY B 493 19.42 4.03 19.03
N VAL B 494 20.38 4.37 18.18
CA VAL B 494 21.03 3.41 17.29
C VAL B 494 22.20 2.78 18.06
N PRO B 495 22.33 1.44 18.00
CA PRO B 495 23.51 0.78 18.58
C PRO B 495 24.81 1.46 18.18
N PRO B 496 25.74 1.63 19.15
CA PRO B 496 27.05 2.25 18.84
C PRO B 496 27.79 1.49 17.74
N LEU B 497 28.67 2.19 17.04
CA LEU B 497 29.30 1.66 15.82
C LEU B 497 30.21 0.44 16.04
N ARG B 498 30.60 0.19 17.28
CA ARG B 498 31.30 -1.07 17.60
C ARG B 498 30.35 -2.27 17.50
N VAL B 499 29.08 -2.08 17.87
CA VAL B 499 28.06 -3.12 17.73
C VAL B 499 27.86 -3.47 16.24
N TRP B 500 27.81 -2.44 15.41
CA TRP B 500 27.64 -2.61 13.96
C TRP B 500 28.82 -3.33 13.30
N ARG B 501 30.02 -3.02 13.77
CA ARG B 501 31.25 -3.71 13.31
C ARG B 501 31.13 -5.21 13.55
N HIS B 502 30.67 -5.57 14.75
CA HIS B 502 30.45 -6.96 15.16
C HIS B 502 29.45 -7.68 14.24
N ARG B 503 28.34 -7.00 13.94
CA ARG B 503 27.30 -7.55 13.07
C ARG B 503 27.78 -7.71 11.62
N ALA B 504 28.64 -6.80 11.19
CA ALA B 504 29.18 -6.82 9.83
C ALA B 504 30.05 -8.06 9.59
N ARG B 505 30.80 -8.45 10.62
CA ARG B 505 31.58 -9.70 10.59
C ARG B 505 30.67 -10.89 10.25
N SER B 506 29.48 -10.93 10.86
CA SER B 506 28.50 -11.96 10.56
C SER B 506 28.04 -11.89 9.10
N VAL B 507 27.58 -10.73 8.68
CA VAL B 507 27.07 -10.50 7.33
C VAL B 507 28.12 -10.86 6.26
N ARG B 508 29.32 -10.32 6.41
CA ARG B 508 30.44 -10.63 5.52
C ARG B 508 30.62 -12.14 5.36
N ALA B 509 30.77 -12.86 6.47
CA ALA B 509 31.01 -14.30 6.45
C ALA B 509 29.87 -15.06 5.76
N ARG B 510 28.64 -14.70 6.11
CA ARG B 510 27.44 -15.30 5.49
C ARG B 510 27.41 -15.06 3.99
N LEU B 511 27.84 -13.87 3.56
CA LEU B 511 27.90 -13.53 2.15
C LEU B 511 29.03 -14.27 1.42
N LEU B 512 30.18 -14.40 2.09
CA LEU B 512 31.29 -15.18 1.55
C LEU B 512 30.89 -16.64 1.30
N SER B 513 30.13 -17.20 2.25
CA SER B 513 29.64 -18.57 2.17
C SER B 513 28.71 -18.84 0.99
N GLN B 514 28.06 -17.79 0.48
CA GLN B 514 27.10 -17.92 -0.63
C GLN B 514 27.79 -18.11 -1.98
N GLY B 515 29.03 -17.61 -2.10
CA GLY B 515 29.77 -17.64 -3.36
C GLY B 515 29.17 -16.73 -4.41
N GLY B 516 29.67 -16.84 -5.65
CA GLY B 516 29.18 -16.04 -6.77
C GLY B 516 29.18 -14.54 -6.46
N ARG B 517 28.14 -13.86 -6.96
CA ARG B 517 28.01 -12.40 -6.78
C ARG B 517 27.90 -11.95 -5.33
N ALA B 518 27.29 -12.80 -4.49
CA ALA B 518 27.10 -12.49 -3.08
C ALA B 518 28.41 -12.39 -2.30
N ALA B 519 29.37 -13.27 -2.65
CA ALA B 519 30.70 -13.25 -2.06
C ALA B 519 31.41 -11.94 -2.35
N THR B 520 31.21 -11.43 -3.56
CA THR B 520 31.77 -10.16 -4.00
C THR B 520 31.29 -9.03 -3.07
N CYS B 521 29.99 -9.03 -2.76
CA CYS B 521 29.41 -8.07 -1.83
C CYS B 521 30.09 -8.14 -0.46
N GLY B 522 30.39 -9.35 0.00
CA GLY B 522 31.09 -9.55 1.28
C GLY B 522 32.53 -9.06 1.23
N LYS B 523 33.21 -9.38 0.13
CA LYS B 523 34.61 -9.02 -0.07
C LYS B 523 34.81 -7.51 -0.18
N TYR B 524 33.94 -6.85 -0.93
CA TYR B 524 34.10 -5.42 -1.23
C TYR B 524 33.41 -4.48 -0.23
N LEU B 525 32.11 -4.69 -0.02
CA LEU B 525 31.33 -3.79 0.83
C LEU B 525 31.71 -3.87 2.30
N PHE B 526 32.20 -5.03 2.74
CA PHE B 526 32.46 -5.24 4.16
C PHE B 526 33.92 -5.57 4.51
N ASN B 527 34.85 -5.10 3.69
CA ASN B 527 36.28 -5.33 3.94
C ASN B 527 36.78 -4.55 5.16
N TRP B 528 36.08 -3.46 5.48
CA TRP B 528 36.37 -2.66 6.66
C TRP B 528 36.14 -3.43 7.96
N ALA B 529 35.25 -4.41 7.91
CA ALA B 529 34.78 -5.13 9.10
C ALA B 529 35.85 -6.00 9.76
N VAL B 530 36.79 -6.49 8.96
CA VAL B 530 37.84 -7.37 9.46
C VAL B 530 39.12 -6.60 9.82
N LYS B 531 39.95 -7.20 10.68
CA LYS B 531 41.19 -6.59 11.17
C LYS B 531 42.37 -6.85 10.24
N THR B 532 42.45 -8.08 9.72
CA THR B 532 43.44 -8.45 8.71
C THR B 532 42.84 -8.43 7.28
N LYS B 533 43.20 -7.38 6.55
CA LYS B 533 42.56 -7.01 5.27
C LYS B 533 42.65 -8.05 4.17
N LEU B 534 41.77 -7.90 3.17
CA LEU B 534 41.91 -8.56 1.87
C LEU B 534 42.26 -7.51 0.80
N LYS B 535 42.98 -7.94 -0.23
CA LYS B 535 43.39 -7.04 -1.33
C LYS B 535 42.22 -6.73 -2.26
N LEU B 536 42.05 -5.44 -2.55
CA LEU B 536 40.92 -4.96 -3.35
C LEU B 536 41.35 -4.53 -4.76
N THR B 537 41.04 -5.38 -5.74
CA THR B 537 41.36 -5.12 -7.14
C THR B 537 40.10 -4.71 -7.91
N PRO B 538 40.26 -4.08 -9.09
CA PRO B 538 39.09 -3.71 -9.90
C PRO B 538 38.14 -4.90 -10.15
N ILE B 539 36.84 -4.62 -10.10
CA ILE B 539 35.82 -5.66 -10.22
C ILE B 539 35.62 -6.07 -11.69
N PRO B 540 35.66 -7.39 -11.98
CA PRO B 540 35.51 -7.95 -13.33
C PRO B 540 34.20 -7.60 -14.06
N ALA B 541 33.12 -7.40 -13.31
CA ALA B 541 31.80 -7.15 -13.91
C ALA B 541 31.36 -5.68 -13.85
N ALA B 542 32.35 -4.77 -13.73
CA ALA B 542 32.09 -3.34 -13.59
C ALA B 542 31.57 -2.68 -14.87
N SER B 543 32.32 -2.84 -15.95
CA SER B 543 31.97 -2.22 -17.23
C SER B 543 31.15 -3.13 -18.15
N GLN B 544 30.16 -3.79 -17.55
CA GLN B 544 29.18 -4.58 -18.31
C GLN B 544 27.78 -4.05 -18.01
N LEU B 545 27.68 -3.17 -17.02
CA LEU B 545 26.43 -2.50 -16.65
C LEU B 545 26.22 -1.22 -17.46
N ASP B 546 24.99 -1.03 -17.94
CA ASP B 546 24.63 0.14 -18.73
C ASP B 546 24.29 1.31 -17.79
N LEU B 547 25.31 2.10 -17.45
CA LEU B 547 25.14 3.23 -16.54
C LEU B 547 24.88 4.55 -17.27
N SER B 548 24.53 4.46 -18.55
CA SER B 548 24.12 5.63 -19.32
C SER B 548 22.70 6.02 -18.93
N GLY B 549 22.47 7.33 -18.80
CA GLY B 549 21.18 7.83 -18.35
C GLY B 549 21.15 8.12 -16.86
N TRP B 550 22.08 7.51 -16.12
CA TRP B 550 22.15 7.69 -14.67
C TRP B 550 22.42 9.14 -14.25
N PHE B 551 23.36 9.79 -14.91
CA PHE B 551 23.75 11.15 -14.54
C PHE B 551 23.77 12.08 -15.74
N VAL B 552 22.59 12.23 -16.35
CA VAL B 552 22.38 13.14 -17.46
C VAL B 552 21.60 14.36 -16.98
N ALA B 553 20.39 14.14 -16.49
CA ALA B 553 19.51 15.23 -16.06
C ALA B 553 18.77 14.93 -14.75
N GLY B 554 18.13 15.97 -14.20
CA GLY B 554 17.24 15.81 -13.05
C GLY B 554 15.81 15.60 -13.51
N TYR B 555 15.01 14.89 -12.71
CA TYR B 555 13.66 14.52 -13.11
C TYR B 555 12.66 14.48 -11.93
N SER B 556 12.88 15.29 -10.91
CA SER B 556 12.01 15.31 -9.72
C SER B 556 10.56 15.62 -10.08
N GLY B 557 9.64 14.77 -9.63
CA GLY B 557 8.21 14.91 -9.94
C GLY B 557 7.86 14.60 -11.38
N GLY B 558 8.87 14.36 -12.21
CA GLY B 558 8.67 14.16 -13.65
C GLY B 558 8.20 12.78 -14.08
N ASP B 559 7.88 11.92 -13.11
CA ASP B 559 7.29 10.60 -13.39
C ASP B 559 8.16 9.84 -14.40
N ILE B 560 9.43 9.65 -14.07
CA ILE B 560 10.40 9.04 -14.99
C ILE B 560 10.97 7.72 -14.47
N TYR B 561 11.03 6.73 -15.35
CA TYR B 561 11.56 5.40 -15.05
C TYR B 561 12.46 4.98 -16.19
N HIS B 562 13.68 4.57 -15.88
CA HIS B 562 14.67 4.25 -16.92
C HIS B 562 14.87 2.75 -17.13
O31 B80 C . -12.06 -18.52 7.60
S35 B80 C . -12.68 -19.73 6.99
O30 B80 C . -11.65 -20.79 6.90
C20 B80 C . -13.91 -20.31 7.94
N26 B80 C . -13.24 -19.44 5.59
C10 B80 C . -13.83 -18.28 5.16
C4 B80 C . -13.88 -18.06 3.78
C3 B80 C . -14.47 -16.90 3.27
C7 B80 C . -14.38 -17.32 6.03
C12 B80 C . -14.97 -16.16 5.52
C9 B80 C . -15.02 -15.96 4.14
N23 B80 C . -15.57 -14.84 3.59
S34 B80 C . -15.61 -15.04 6.50
O28 B80 C . -16.45 -15.67 7.53
O29 B80 C . -14.53 -14.28 7.15
N24 B80 C . -16.51 -14.05 5.61
C15 B80 C . -16.39 -13.99 4.26
C13 B80 C . -17.18 -12.96 3.48
C14 B80 C . -17.64 -11.86 4.10
O32 B80 C . -17.55 -11.70 5.41
C17 B80 C . -18.29 -10.75 3.28
C18 B80 C . -19.08 -11.29 2.08
C22 B80 C . -20.36 -11.99 2.55
C19 B80 C . -21.52 -11.02 2.61
C16 B80 C . -17.41 -13.14 2.04
O27 B80 C . -16.90 -14.07 1.43
N25 B80 C . -18.22 -12.27 1.40
C21 B80 C . -18.32 -12.17 -0.04
C8 B80 C . -17.39 -11.09 -0.55
C1 B80 C . -17.93 -10.00 -1.23
C5 B80 C . -17.10 -8.99 -1.69
C2 B80 C . -16.02 -11.18 -0.31
C6 B80 C . -15.19 -10.16 -0.77
C11 B80 C . -15.73 -9.07 -1.46
F33 B80 C . -14.92 -8.11 -1.91
O31 B80 D . 14.19 19.40 -8.94
S35 B80 D . 13.89 20.20 -7.73
O30 B80 D . 13.65 21.61 -8.16
C20 B80 D . 12.53 19.63 -6.97
N26 B80 D . 15.07 20.17 -6.76
C10 B80 D . 15.89 19.11 -6.47
C4 B80 D . 17.04 19.40 -5.74
C3 B80 D . 17.94 18.39 -5.39
C7 B80 D . 15.64 17.79 -6.87
C12 B80 D . 16.54 16.77 -6.52
C9 B80 D . 17.68 17.08 -5.78
N23 B80 D . 18.57 16.14 -5.43
S34 B80 D . 16.28 15.25 -6.97
O28 B80 D . 14.90 14.84 -6.67
O29 B80 D . 16.53 15.14 -8.42
N24 B80 D . 17.30 14.30 -6.20
C15 B80 D . 18.38 14.80 -5.54
C13 B80 D . 19.41 13.89 -4.94
C14 B80 D . 19.43 12.60 -5.26
O32 B80 D . 18.48 12.07 -6.04
C17 B80 D . 20.54 11.70 -4.76
C18 B80 D . 20.98 12.09 -3.33
C22 B80 D . 19.92 11.69 -2.30
C19 B80 D . 20.00 10.20 -2.01
C16 B80 D . 20.41 14.42 -4.01
O27 B80 D . 20.60 15.63 -3.90
N25 B80 D . 21.16 13.56 -3.31
C21 B80 D . 22.27 13.96 -2.45
C8 B80 D . 23.54 13.88 -3.26
C1 B80 D . 24.55 13.01 -2.86
C5 B80 D . 25.72 12.91 -3.61
C2 B80 D . 23.68 14.65 -4.41
C6 B80 D . 24.86 14.54 -5.15
C11 B80 D . 25.87 13.67 -4.75
F33 B80 D . 26.99 13.58 -5.47
#